data_7V6A
#
_entry.id   7V6A
#
_cell.length_a   1.00
_cell.length_b   1.00
_cell.length_c   1.00
_cell.angle_alpha   90.00
_cell.angle_beta   90.00
_cell.angle_gamma   90.00
#
_symmetry.space_group_name_H-M   'P 1'
#
loop_
_entity.id
_entity.type
_entity.pdbx_description
1 polymer 'Guanine nucleotide-binding protein G(i) subunit alpha-1'
2 polymer 'Guanine nucleotide-binding protein G(I)/G(S)/G(T) subunit beta-1'
3 polymer 'Guanine nucleotide-binding protein G(I)/G(S)/G(O) subunit gamma-2'
4 polymer scFv16
5 polymer 'Muscarinic acetylcholine receptor M4'
6 non-polymer 'methyl 4-[4-(3-methyl-2-oxidanylidene-benzimidazol-1-yl)piperidin-1-yl]piperidine-1-carboxylate'
#
loop_
_entity_poly.entity_id
_entity_poly.type
_entity_poly.pdbx_seq_one_letter_code
_entity_poly.pdbx_strand_id
1 'polypeptide(L)'
;GSMGCTLSAEDKAAVERSKMIDRNLREDGEKAAREVKLLLLGAGESGKSTIVKQMKIIHEAGYSEEECKQYKAVVYSNTI
QSIIAIIRAMGRLKIDFGDSARADDARQLFVLAGAAEEGFMTAELAGVIKRLWKDSGVQACFNRSREYQLNDSAAYYLND
LDRIAQPNYIPTQQDVLRTRVKTTGIVETHFTFKDLHFKMFDVGGQRSERKKWIHCFEGVTAIIFCVALSDYDLVLAEDE
EMNRMHESMKLFDSICNNKWFTDTSIILFLNKKDLFEEKIKKSPLTICYPEYAGSNTYEEAAAYIQCQFEDLNKRKDTKE
IYTHFTCATDTKNVQFVFDAVTDVIIKNNLKDCGLF
;
A
2 'polypeptide(L)'
;SELDQLRQEAEQLKNQIRDARKACADATLSQITNNIDPVGRIQMRTRRTLRGHLAKIYAMHWGTDSRLLVSASQDGKLII
WDSYTTNKVHAIPLRSSWVMTCAYAPSGNYVACGGLDNICSIYNLKTREGNVRVSRELAGHTGYLSCCRFLDDNQIVTSS
GDTTCALWDIETGQQTTTFTGHTGDVMSLSLAPDTRLFVSGACDASAKLWDVREGMCRQTFTGHESDINAICFFPNGNAF
ATGSDDATCRLFDLRADQELMTYSHDNIICGITSVSFSKSGRLLLAGYDDFNCNVWDALKADRAGVLAGHDNRVSCLGVT
DDGMAVATGSWDSFLKIWN
;
B
3 'polypeptide(L)' MASNNTASIAQARKLVEQLKMEANIDRIKVSKAAADLMAYCEAHAKEDPLLTPVPASENPFREKKFFCAIL C
4 'polypeptide(L)'
;DVQLVESGGGLVQPGGSRKLSCSASGFAFSSFGMHWVRQAPEKGLEWVAYISSGSGTIYYADTVKGRFTISRDDPKNTLF
LQMTSLRSEDTAMYYCVRSIYYYGSSPFDFWGQGTTLTVSSGGGGSGGGGSGGGGSDIVMTQATSSVPVTPGESVSISCR
SSKSLLHSNGNTYLYWFLQRPGQSPQLLIYRMSNLASGVPDRFSGSGSGTAFTLTISRLEAEDVGVYYCMQHLEYPLTFG
AGTKLELKAAAHHHHHHHH
;
S
5 'polypeptide(L)'
;MANFTPVNGSSGNQSVRLVTSSSHNRYETVEMVFIATVTGSLSLVTVVGNILVMLSIKVNRQLQTVNNYFLFSLACADLI
IGAFSMNLYTVYIIKGYWPLGAVVCDLWLALDYVVSNASVMNLLIISFDRYFCVTKPLTYPARRTTKMAGLMIAAAWVLS
FVLWAPAILFWQFVVGKRTVPDNQCFIQFLSNPAVTFGTAIAAFYLPVVIMTVLYIHISLASRSRVHKHRPEGPKEKKAV
ARKFASIARNQVRKKRQMAARERKVTRTIFAILLAFILTWTPYNVMVLVNTFCQSCIPDTVWSIGYWLCYVNSTINPACY
ALCNATFKKTFRHLLLCQYRNIGTAR
;
R
#
# COMPACT_ATOMS: atom_id res chain seq x y z
N CYS A 5 -23.96 16.16 -5.10
CA CYS A 5 -22.67 15.64 -4.68
C CYS A 5 -22.02 16.56 -3.65
N THR A 6 -22.31 17.86 -3.77
CA THR A 6 -21.83 18.88 -2.83
C THR A 6 -20.31 18.83 -2.70
N LEU A 7 -19.63 18.60 -3.82
CA LEU A 7 -18.17 18.65 -3.90
C LEU A 7 -17.80 19.83 -4.79
N SER A 8 -16.93 20.70 -4.29
CA SER A 8 -16.59 21.90 -5.02
C SER A 8 -15.85 21.57 -6.31
N ALA A 9 -15.73 22.56 -7.19
CA ALA A 9 -15.10 22.35 -8.49
C ALA A 9 -13.65 21.94 -8.37
N GLU A 10 -12.90 22.56 -7.47
CA GLU A 10 -11.49 22.20 -7.31
C GLU A 10 -11.33 20.85 -6.62
N ASP A 11 -12.20 20.56 -5.65
CA ASP A 11 -12.12 19.29 -4.95
C ASP A 11 -12.49 18.14 -5.89
N LYS A 12 -13.38 18.38 -6.85
CA LYS A 12 -13.73 17.35 -7.81
C LYS A 12 -12.53 17.01 -8.69
N ALA A 13 -11.80 18.02 -9.14
CA ALA A 13 -10.58 17.77 -9.90
C ALA A 13 -9.51 17.12 -9.04
N ALA A 14 -9.45 17.46 -7.75
CA ALA A 14 -8.53 16.79 -6.85
C ALA A 14 -8.85 15.31 -6.73
N VAL A 15 -10.14 14.97 -6.63
CA VAL A 15 -10.55 13.57 -6.59
C VAL A 15 -10.24 12.87 -7.90
N GLU A 16 -10.41 13.55 -9.03
CA GLU A 16 -10.07 12.96 -10.31
C GLU A 16 -8.57 12.67 -10.38
N ARG A 17 -7.75 13.61 -9.92
CA ARG A 17 -6.31 13.39 -9.91
C ARG A 17 -5.93 12.26 -8.95
N SER A 18 -6.62 12.17 -7.82
CA SER A 18 -6.37 11.05 -6.90
C SER A 18 -6.72 9.71 -7.53
N LYS A 19 -7.83 9.65 -8.28
CA LYS A 19 -8.18 8.43 -8.98
C LYS A 19 -7.16 8.09 -10.07
N MET A 20 -6.66 9.11 -10.77
CA MET A 20 -5.62 8.86 -11.77
C MET A 20 -4.36 8.32 -11.11
N ILE A 21 -3.99 8.86 -9.96
CA ILE A 21 -2.84 8.35 -9.22
C ILE A 21 -3.09 6.92 -8.75
N ASP A 22 -4.32 6.63 -8.31
CA ASP A 22 -4.66 5.25 -7.94
C ASP A 22 -4.46 4.31 -9.12
N ARG A 23 -4.88 4.73 -10.31
CA ARG A 23 -4.69 3.93 -11.51
C ARG A 23 -3.20 3.73 -11.80
N ASN A 24 -2.41 4.78 -11.63
CA ASN A 24 -0.98 4.67 -11.88
C ASN A 24 -0.31 3.67 -10.93
N LEU A 25 -0.63 3.74 -9.64
CA LEU A 25 -0.10 2.77 -8.69
C LEU A 25 -0.61 1.35 -8.99
N ARG A 26 -1.86 1.21 -9.39
CA ARG A 26 -2.36 -0.12 -9.72
C ARG A 26 -1.60 -0.72 -10.89
N GLU A 27 -1.36 0.10 -11.93
CA GLU A 27 -0.60 -0.39 -13.08
C GLU A 27 0.84 -0.72 -12.70
N ASP A 28 1.47 0.13 -11.89
CA ASP A 28 2.84 -0.14 -11.46
C ASP A 28 2.92 -1.42 -10.64
N GLY A 29 1.97 -1.62 -9.73
CA GLY A 29 1.97 -2.85 -8.94
C GLY A 29 1.71 -4.07 -9.81
N GLU A 30 0.85 -3.96 -10.81
CA GLU A 30 0.63 -5.06 -11.72
C GLU A 30 1.89 -5.41 -12.49
N LYS A 31 2.62 -4.40 -12.98
CA LYS A 31 3.79 -4.68 -13.81
C LYS A 31 4.98 -5.12 -12.96
N ALA A 32 5.00 -4.75 -11.69
CA ALA A 32 6.16 -5.03 -10.85
C ALA A 32 5.98 -6.23 -9.93
N ALA A 33 4.75 -6.61 -9.61
CA ALA A 33 4.53 -7.74 -8.71
C ALA A 33 4.84 -9.07 -9.35
N ARG A 34 4.64 -9.20 -10.66
CA ARG A 34 5.04 -10.39 -11.39
C ARG A 34 6.55 -10.55 -11.44
N GLU A 35 7.31 -9.46 -11.31
CA GLU A 35 8.76 -9.53 -11.35
C GLU A 35 9.28 -10.43 -10.24
N VAL A 36 10.48 -10.96 -10.45
CA VAL A 36 11.04 -12.02 -9.64
C VAL A 36 12.19 -11.45 -8.83
N LYS A 37 12.13 -11.61 -7.51
CA LYS A 37 13.10 -11.03 -6.59
C LYS A 37 13.91 -12.14 -5.94
N LEU A 38 15.21 -12.15 -6.19
CA LEU A 38 16.11 -13.20 -5.73
C LEU A 38 17.08 -12.61 -4.73
N LEU A 39 16.78 -12.77 -3.44
CA LEU A 39 17.70 -12.33 -2.41
C LEU A 39 18.96 -13.19 -2.42
N LEU A 40 20.11 -12.55 -2.25
CA LEU A 40 21.39 -13.24 -2.25
C LEU A 40 22.03 -13.04 -0.88
N LEU A 41 22.00 -14.09 -0.06
CA LEU A 41 22.72 -14.10 1.20
C LEU A 41 23.88 -15.08 1.09
N GLY A 42 24.67 -15.19 2.16
CA GLY A 42 25.80 -16.11 2.19
C GLY A 42 27.04 -15.43 2.74
N ALA A 43 28.20 -15.90 2.29
CA ALA A 43 29.50 -15.40 2.72
C ALA A 43 30.10 -14.59 1.59
N GLY A 44 30.39 -13.31 1.87
CA GLY A 44 30.97 -12.45 0.87
C GLY A 44 32.42 -12.78 0.59
N GLU A 45 32.90 -12.30 -0.56
CA GLU A 45 34.27 -12.52 -1.01
C GLU A 45 34.61 -14.01 -1.08
N SER A 46 33.60 -14.83 -1.36
CA SER A 46 33.78 -16.27 -1.47
C SER A 46 33.16 -16.84 -2.75
N GLY A 47 32.84 -15.99 -3.72
CA GLY A 47 32.24 -16.44 -4.96
C GLY A 47 31.07 -15.58 -5.39
N LYS A 48 30.69 -14.62 -4.53
CA LYS A 48 29.60 -13.72 -4.89
C LYS A 48 29.92 -12.95 -6.16
N SER A 49 31.13 -12.42 -6.26
CA SER A 49 31.52 -11.68 -7.45
C SER A 49 31.47 -12.57 -8.69
N THR A 50 31.96 -13.80 -8.58
CA THR A 50 31.98 -14.71 -9.72
C THR A 50 30.56 -15.03 -10.19
N ILE A 51 29.68 -15.37 -9.25
CA ILE A 51 28.31 -15.74 -9.64
C ILE A 51 27.57 -14.53 -10.19
N VAL A 52 27.83 -13.33 -9.66
CA VAL A 52 27.19 -12.13 -10.20
C VAL A 52 27.69 -11.86 -11.61
N LYS A 53 29.01 -11.95 -11.82
CA LYS A 53 29.59 -11.69 -13.13
C LYS A 53 29.23 -12.75 -14.15
N GLN A 54 28.81 -13.94 -13.70
CA GLN A 54 28.42 -14.97 -14.66
C GLN A 54 27.24 -14.54 -15.51
N MET A 55 26.22 -13.94 -14.90
CA MET A 55 25.05 -13.50 -15.63
C MET A 55 25.22 -12.08 -16.17
N LYS A 56 25.97 -11.94 -17.25
CA LYS A 56 26.15 -10.67 -17.95
C LYS A 56 26.66 -9.56 -17.03
N THR A 184 28.44 0.81 -1.38
CA THR A 184 27.73 1.50 -0.32
C THR A 184 26.98 0.51 0.56
N GLY A 185 25.70 0.30 0.24
CA GLY A 185 24.89 -0.65 0.97
C GLY A 185 24.32 -1.75 0.09
N ILE A 186 22.99 -1.86 0.03
CA ILE A 186 22.36 -2.83 -0.85
C ILE A 186 22.61 -2.45 -2.30
N VAL A 187 22.81 -3.46 -3.14
CA VAL A 187 22.97 -3.25 -4.57
C VAL A 187 22.12 -4.27 -5.32
N GLU A 188 21.36 -3.79 -6.31
CA GLU A 188 20.50 -4.67 -7.10
C GLU A 188 21.15 -4.98 -8.44
N THR A 189 20.54 -5.91 -9.18
CA THR A 189 21.05 -6.30 -10.49
C THR A 189 19.87 -6.81 -11.31
N HIS A 190 19.39 -5.97 -12.23
CA HIS A 190 18.21 -6.29 -13.04
C HIS A 190 18.67 -6.93 -14.34
N PHE A 191 18.69 -8.26 -14.37
CA PHE A 191 19.01 -9.00 -15.57
C PHE A 191 17.84 -9.90 -15.91
N THR A 192 17.50 -9.97 -17.19
CA THR A 192 16.38 -10.76 -17.67
C THR A 192 16.90 -11.90 -18.54
N PHE A 193 16.49 -13.12 -18.22
CA PHE A 193 16.90 -14.31 -18.96
C PHE A 193 15.67 -15.12 -19.31
N LYS A 194 15.61 -15.57 -20.57
CA LYS A 194 14.48 -16.37 -21.08
C LYS A 194 13.15 -15.68 -20.81
N ASP A 195 13.14 -14.36 -21.00
CA ASP A 195 11.95 -13.53 -20.81
C ASP A 195 11.39 -13.68 -19.40
N LEU A 196 12.22 -13.31 -18.42
CA LEU A 196 11.78 -13.27 -17.03
C LEU A 196 12.70 -12.33 -16.27
N HIS A 197 12.17 -11.21 -15.79
CA HIS A 197 12.98 -10.15 -15.19
C HIS A 197 13.39 -10.56 -13.78
N PHE A 198 14.69 -10.63 -13.53
CA PHE A 198 15.23 -11.00 -12.23
C PHE A 198 15.74 -9.77 -11.48
N LYS A 199 15.79 -9.89 -10.16
CA LYS A 199 16.36 -8.87 -9.28
C LYS A 199 17.20 -9.58 -8.23
N MET A 200 18.52 -9.63 -8.46
CA MET A 200 19.46 -10.21 -7.50
C MET A 200 19.86 -9.11 -6.52
N PHE A 201 19.51 -9.28 -5.26
CA PHE A 201 19.74 -8.28 -4.22
C PHE A 201 20.93 -8.72 -3.38
N ASP A 202 22.08 -8.10 -3.62
CA ASP A 202 23.29 -8.38 -2.86
C ASP A 202 23.25 -7.52 -1.61
N VAL A 203 22.87 -8.11 -0.47
CA VAL A 203 22.76 -7.35 0.77
C VAL A 203 23.85 -7.70 1.76
N GLY A 204 24.70 -8.69 1.44
CA GLY A 204 25.73 -9.10 2.38
C GLY A 204 26.72 -8.00 2.73
N GLY A 205 26.80 -6.96 1.92
CA GLY A 205 27.71 -5.87 2.17
C GLY A 205 27.14 -4.83 3.11
N GLN A 206 25.98 -5.13 3.70
CA GLN A 206 25.34 -4.18 4.61
C GLN A 206 26.21 -3.92 5.84
N ARG A 207 26.79 -4.99 6.40
CA ARG A 207 27.71 -4.91 7.53
C ARG A 207 27.04 -4.23 8.73
N SER A 208 25.92 -4.80 9.15
CA SER A 208 25.18 -4.31 10.30
C SER A 208 24.50 -5.48 10.98
N GLU A 209 23.55 -5.18 11.86
CA GLU A 209 22.80 -6.22 12.55
C GLU A 209 21.90 -6.95 11.56
N ARG A 210 22.26 -8.18 11.23
CA ARG A 210 21.54 -8.96 10.23
C ARG A 210 20.12 -9.31 10.66
N LYS A 211 19.75 -9.16 11.93
CA LYS A 211 18.41 -9.52 12.38
C LYS A 211 17.44 -8.35 12.41
N LYS A 212 17.91 -7.13 12.15
CA LYS A 212 17.02 -5.98 12.25
C LYS A 212 16.59 -5.46 10.88
N TRP A 213 17.27 -5.88 9.81
CA TRP A 213 16.89 -5.53 8.45
C TRP A 213 16.49 -6.73 7.61
N ILE A 214 16.55 -7.95 8.15
CA ILE A 214 16.23 -9.13 7.35
C ILE A 214 14.73 -9.25 7.13
N HIS A 215 13.91 -8.72 8.04
CA HIS A 215 12.47 -8.79 7.85
C HIS A 215 11.99 -7.97 6.66
N CYS A 216 12.80 -7.05 6.16
CA CYS A 216 12.45 -6.31 4.95
C CYS A 216 12.36 -7.25 3.75
N PHE A 217 13.02 -8.40 3.82
CA PHE A 217 13.17 -9.31 2.70
C PHE A 217 12.15 -10.45 2.74
N GLU A 218 11.08 -10.30 3.52
CA GLU A 218 10.00 -11.27 3.44
C GLU A 218 9.27 -11.11 2.10
N GLY A 219 8.89 -12.25 1.53
CA GLY A 219 8.20 -12.22 0.25
C GLY A 219 9.11 -12.41 -0.95
N VAL A 220 10.42 -12.50 -0.73
CA VAL A 220 11.31 -12.83 -1.82
C VAL A 220 11.07 -14.28 -2.24
N THR A 221 11.15 -14.52 -3.55
CA THR A 221 10.80 -15.84 -4.05
C THR A 221 11.90 -16.87 -3.78
N ALA A 222 13.13 -16.42 -3.54
CA ALA A 222 14.23 -17.33 -3.33
C ALA A 222 15.31 -16.63 -2.51
N ILE A 223 16.20 -17.44 -1.93
CA ILE A 223 17.36 -16.94 -1.22
C ILE A 223 18.58 -17.70 -1.72
N ILE A 224 19.34 -17.09 -2.63
CA ILE A 224 20.51 -17.76 -3.19
C ILE A 224 21.63 -17.73 -2.17
N PHE A 225 21.81 -18.84 -1.46
CA PHE A 225 22.92 -18.96 -0.52
C PHE A 225 24.18 -19.24 -1.31
N CYS A 226 25.35 -19.07 -0.70
CA CYS A 226 26.61 -19.27 -1.43
C CYS A 226 27.66 -19.79 -0.48
N VAL A 227 28.21 -20.96 -0.77
CA VAL A 227 29.24 -21.57 0.05
C VAL A 227 30.42 -21.92 -0.83
N ALA A 228 31.63 -21.87 -0.28
CA ALA A 228 32.84 -22.25 -1.01
C ALA A 228 33.32 -23.58 -0.46
N LEU A 229 33.42 -24.58 -1.33
CA LEU A 229 33.83 -25.91 -0.89
C LEU A 229 35.25 -25.94 -0.37
N SER A 230 36.07 -24.95 -0.70
CA SER A 230 37.44 -24.88 -0.22
C SER A 230 37.57 -24.24 1.14
N ASP A 231 36.52 -23.60 1.67
CA ASP A 231 36.64 -22.84 2.90
C ASP A 231 36.36 -23.70 4.12
N TYR A 232 37.04 -24.85 4.23
CA TYR A 232 36.95 -25.69 5.41
C TYR A 232 38.27 -25.77 6.16
N ASP A 233 39.26 -24.97 5.76
CA ASP A 233 40.59 -24.95 6.37
C ASP A 233 41.03 -23.52 6.63
N LEU A 234 40.14 -22.73 7.24
CA LEU A 234 40.43 -21.35 7.55
C LEU A 234 39.63 -20.87 8.76
N MET A 242 37.49 -20.52 15.54
CA MET A 242 36.24 -20.90 14.89
C MET A 242 36.42 -21.02 13.39
N ASN A 243 36.12 -22.20 12.84
CA ASN A 243 36.34 -22.43 11.42
C ASN A 243 35.26 -21.75 10.58
N ARG A 244 35.68 -21.24 9.43
CA ARG A 244 34.77 -20.53 8.55
C ARG A 244 33.75 -21.46 7.90
N MET A 245 34.08 -22.73 7.69
CA MET A 245 33.10 -23.66 7.15
C MET A 245 31.93 -23.83 8.11
N HIS A 246 32.23 -24.08 9.38
CA HIS A 246 31.14 -24.24 10.36
C HIS A 246 30.47 -22.90 10.64
N GLU A 247 31.19 -21.78 10.49
CA GLU A 247 30.53 -20.48 10.58
C GLU A 247 29.50 -20.32 9.47
N SER A 248 29.86 -20.72 8.24
CA SER A 248 28.91 -20.67 7.12
C SER A 248 27.75 -21.63 7.36
N MET A 249 28.03 -22.79 7.94
CA MET A 249 26.96 -23.72 8.31
C MET A 249 26.00 -23.09 9.31
N LYS A 250 26.54 -22.38 10.31
CA LYS A 250 25.69 -21.73 11.30
C LYS A 250 24.84 -20.66 10.66
N LEU A 251 25.44 -19.87 9.76
CA LEU A 251 24.68 -18.82 9.08
C LEU A 251 23.58 -19.43 8.22
N PHE A 252 23.89 -20.52 7.53
CA PHE A 252 22.90 -21.22 6.72
C PHE A 252 21.76 -21.74 7.57
N ASP A 253 22.07 -22.35 8.71
CA ASP A 253 21.02 -22.84 9.60
C ASP A 253 20.15 -21.70 10.10
N SER A 254 20.77 -20.59 10.50
CA SER A 254 20.01 -19.46 11.01
C SER A 254 19.09 -18.88 9.95
N ILE A 255 19.56 -18.81 8.69
CA ILE A 255 18.73 -18.19 7.66
C ILE A 255 17.66 -19.16 7.17
N CYS A 256 17.91 -20.47 7.23
CA CYS A 256 16.88 -21.42 6.87
C CYS A 256 15.79 -21.50 7.92
N ASN A 257 16.16 -21.50 9.20
CA ASN A 257 15.18 -21.67 10.26
C ASN A 257 14.54 -20.37 10.72
N ASN A 258 14.89 -19.25 10.10
CA ASN A 258 14.28 -17.98 10.48
C ASN A 258 12.79 -18.01 10.24
N LYS A 259 12.05 -17.40 11.16
CA LYS A 259 10.59 -17.40 11.09
C LYS A 259 10.06 -16.51 9.97
N TRP A 260 10.88 -15.59 9.46
CA TRP A 260 10.44 -14.76 8.34
C TRP A 260 10.44 -15.52 7.03
N PHE A 261 11.27 -16.57 6.92
CA PHE A 261 11.38 -17.39 5.72
C PHE A 261 11.04 -18.82 6.09
N THR A 262 9.77 -19.17 5.97
CA THR A 262 9.30 -20.52 6.21
C THR A 262 8.83 -21.23 4.96
N ASP A 263 8.25 -20.51 4.01
CA ASP A 263 7.82 -21.11 2.76
C ASP A 263 8.73 -20.73 1.59
N THR A 264 9.54 -19.69 1.74
CA THR A 264 10.42 -19.25 0.65
C THR A 264 11.52 -20.28 0.45
N SER A 265 11.73 -20.67 -0.80
CA SER A 265 12.73 -21.69 -1.11
C SER A 265 14.14 -21.10 -0.99
N ILE A 266 15.13 -21.98 -1.00
CA ILE A 266 16.52 -21.58 -0.92
C ILE A 266 17.29 -22.28 -2.04
N ILE A 267 18.00 -21.50 -2.84
CA ILE A 267 18.77 -22.05 -3.97
C ILE A 267 20.22 -22.07 -3.51
N LEU A 268 20.61 -23.18 -2.91
CA LEU A 268 21.96 -23.32 -2.39
C LEU A 268 22.96 -23.45 -3.55
N PHE A 269 24.09 -22.77 -3.41
CA PHE A 269 25.16 -22.83 -4.39
C PHE A 269 26.42 -23.37 -3.75
N LEU A 270 27.20 -24.10 -4.54
CA LEU A 270 28.50 -24.60 -4.10
C LEU A 270 29.49 -24.40 -5.24
N ASN A 271 30.51 -23.59 -5.01
CA ASN A 271 31.46 -23.21 -6.05
C ASN A 271 32.86 -23.68 -5.68
N LYS A 272 33.85 -23.24 -6.47
CA LYS A 272 35.23 -23.70 -6.37
C LYS A 272 35.36 -25.21 -6.50
N LYS A 273 34.71 -25.78 -7.52
CA LYS A 273 34.77 -27.22 -7.74
C LYS A 273 36.20 -27.70 -7.96
N ASP A 274 36.94 -26.99 -8.82
CA ASP A 274 38.31 -27.40 -9.11
C ASP A 274 39.21 -27.26 -7.88
N LEU A 275 39.08 -26.15 -7.16
CA LEU A 275 39.91 -25.96 -5.97
C LEU A 275 39.58 -27.00 -4.91
N PHE A 276 38.30 -27.34 -4.76
CA PHE A 276 37.93 -28.41 -3.84
C PHE A 276 38.49 -29.74 -4.28
N GLU A 277 38.51 -30.01 -5.59
CA GLU A 277 39.10 -31.26 -6.07
C GLU A 277 40.58 -31.32 -5.74
N GLU A 278 41.31 -30.22 -5.94
CA GLU A 278 42.72 -30.19 -5.60
C GLU A 278 42.92 -30.40 -4.11
N LYS A 279 42.15 -29.70 -3.28
CA LYS A 279 42.35 -29.80 -1.84
C LYS A 279 41.89 -31.12 -1.26
N ILE A 280 40.94 -31.80 -1.91
CA ILE A 280 40.58 -33.15 -1.47
C ILE A 280 41.56 -34.19 -1.99
N LYS A 281 42.26 -33.90 -3.10
CA LYS A 281 43.39 -34.74 -3.47
C LYS A 281 44.58 -34.53 -2.53
N LYS A 282 44.68 -33.35 -1.91
CA LYS A 282 45.80 -33.02 -1.03
C LYS A 282 45.57 -33.50 0.41
N SER A 283 44.49 -33.04 1.04
CA SER A 283 44.24 -33.24 2.46
C SER A 283 42.88 -33.89 2.69
N PRO A 284 42.69 -34.57 3.84
CA PRO A 284 41.40 -35.24 4.09
C PRO A 284 40.30 -34.30 4.56
N LEU A 285 39.07 -34.79 4.55
CA LEU A 285 37.89 -34.05 4.95
C LEU A 285 37.62 -34.10 6.45
N THR A 286 38.27 -35.01 7.18
CA THR A 286 38.00 -35.17 8.60
C THR A 286 38.49 -33.97 9.43
N ILE A 287 39.40 -33.16 8.88
CA ILE A 287 40.01 -32.08 9.66
C ILE A 287 38.95 -31.11 10.15
N CYS A 288 37.96 -30.82 9.31
CA CYS A 288 36.87 -29.94 9.68
C CYS A 288 35.60 -30.69 10.06
N TYR A 289 35.52 -31.98 9.75
CA TYR A 289 34.32 -32.78 9.99
C TYR A 289 34.66 -33.94 10.91
N PRO A 290 34.27 -33.87 12.19
CA PRO A 290 34.53 -34.99 13.10
C PRO A 290 33.51 -36.09 12.95
N GLU A 291 32.31 -35.73 12.48
CA GLU A 291 31.26 -36.72 12.31
C GLU A 291 31.55 -37.63 11.11
N TYR A 292 32.20 -37.09 10.08
CA TYR A 292 32.50 -37.87 8.89
C TYR A 292 33.46 -39.01 9.20
N ALA A 293 33.22 -40.16 8.58
CA ALA A 293 34.04 -41.33 8.81
C ALA A 293 34.35 -42.11 7.54
N GLY A 294 33.90 -41.66 6.38
CA GLY A 294 34.13 -42.40 5.15
C GLY A 294 35.51 -42.21 4.57
N SER A 295 35.61 -42.19 3.24
CA SER A 295 36.87 -42.05 2.55
C SER A 295 36.98 -40.67 1.90
N ASN A 296 38.21 -40.29 1.56
CA ASN A 296 38.48 -38.99 0.95
C ASN A 296 38.35 -39.08 -0.56
N THR A 297 37.17 -39.50 -1.01
CA THR A 297 36.81 -39.55 -2.42
C THR A 297 35.89 -38.38 -2.73
N TYR A 298 36.07 -37.80 -3.92
CA TYR A 298 35.37 -36.56 -4.26
C TYR A 298 33.87 -36.76 -4.27
N GLU A 299 33.41 -37.85 -4.91
CA GLU A 299 31.98 -38.06 -5.04
C GLU A 299 31.34 -38.28 -3.67
N GLU A 300 31.97 -39.10 -2.83
CA GLU A 300 31.43 -39.35 -1.50
C GLU A 300 31.41 -38.09 -0.66
N ALA A 301 32.48 -37.29 -0.75
CA ALA A 301 32.51 -36.03 0.00
C ALA A 301 31.43 -35.08 -0.48
N ALA A 302 31.22 -34.98 -1.79
CA ALA A 302 30.21 -34.11 -2.35
C ALA A 302 28.82 -34.54 -1.88
N ALA A 303 28.56 -35.85 -1.90
CA ALA A 303 27.29 -36.34 -1.39
C ALA A 303 27.14 -36.05 0.10
N TYR A 304 28.22 -36.19 0.86
CA TYR A 304 28.17 -35.90 2.28
C TYR A 304 27.85 -34.43 2.53
N ILE A 305 28.46 -33.54 1.76
CA ILE A 305 28.18 -32.12 1.90
C ILE A 305 26.75 -31.81 1.52
N GLN A 306 26.25 -32.44 0.44
CA GLN A 306 24.84 -32.25 0.07
C GLN A 306 23.92 -32.65 1.20
N CYS A 307 24.13 -33.85 1.76
CA CYS A 307 23.26 -34.31 2.85
C CYS A 307 23.38 -33.41 4.07
N GLN A 308 24.60 -32.97 4.38
CA GLN A 308 24.80 -32.13 5.55
C GLN A 308 24.06 -30.81 5.41
N PHE A 309 24.25 -30.13 4.28
CA PHE A 309 23.61 -28.83 4.10
C PHE A 309 22.12 -28.94 3.79
N GLU A 310 21.63 -30.12 3.41
CA GLU A 310 20.21 -30.33 3.23
C GLU A 310 19.56 -31.01 4.42
N ASP A 311 20.31 -31.23 5.50
CA ASP A 311 19.75 -31.77 6.72
C ASP A 311 19.63 -30.71 7.82
N LEU A 312 20.40 -29.63 7.73
CA LEU A 312 20.34 -28.58 8.75
C LEU A 312 19.03 -27.82 8.76
N ASN A 313 18.18 -28.00 7.74
CA ASN A 313 16.85 -27.40 7.77
C ASN A 313 15.94 -28.23 8.66
N LYS A 314 15.33 -27.58 9.66
CA LYS A 314 14.41 -28.28 10.53
C LYS A 314 13.06 -28.54 9.88
N ARG A 315 12.79 -27.91 8.74
CA ARG A 315 11.55 -28.13 8.00
C ARG A 315 11.89 -28.61 6.60
N LYS A 316 11.47 -29.83 6.28
CA LYS A 316 11.67 -30.40 4.96
C LYS A 316 10.38 -30.46 4.15
N ASP A 317 9.31 -29.85 4.63
CA ASP A 317 8.00 -29.92 4.00
C ASP A 317 7.61 -28.60 3.34
N THR A 318 7.73 -27.49 4.04
CA THR A 318 7.29 -26.20 3.53
C THR A 318 8.29 -25.54 2.60
N LYS A 319 9.49 -26.08 2.39
CA LYS A 319 10.50 -25.41 1.58
C LYS A 319 11.49 -26.44 1.07
N GLU A 320 12.17 -26.09 -0.02
CA GLU A 320 13.12 -26.98 -0.66
C GLU A 320 14.47 -26.29 -0.81
N ILE A 321 15.51 -27.09 -1.03
CA ILE A 321 16.88 -26.60 -1.16
C ILE A 321 17.45 -27.22 -2.43
N TYR A 322 17.77 -26.39 -3.41
CA TYR A 322 18.32 -26.87 -4.68
C TYR A 322 19.83 -26.64 -4.67
N THR A 323 20.60 -27.73 -4.54
CA THR A 323 22.04 -27.60 -4.54
C THR A 323 22.59 -27.66 -5.96
N HIS A 324 23.80 -27.13 -6.14
CA HIS A 324 24.44 -27.13 -7.44
C HIS A 324 25.94 -26.93 -7.30
N PHE A 325 26.73 -27.93 -7.71
CA PHE A 325 28.18 -27.84 -7.64
C PHE A 325 28.69 -27.09 -8.88
N THR A 326 28.56 -25.77 -8.84
CA THR A 326 29.05 -24.91 -9.90
C THR A 326 30.56 -24.75 -9.78
N CYS A 327 31.14 -23.90 -10.63
CA CYS A 327 32.57 -23.61 -10.59
C CYS A 327 32.77 -22.17 -11.05
N ALA A 328 34.03 -21.76 -11.18
CA ALA A 328 34.33 -20.40 -11.60
C ALA A 328 34.01 -20.17 -13.07
N THR A 329 34.64 -20.95 -13.95
CA THR A 329 34.36 -20.88 -15.38
C THR A 329 33.12 -21.69 -15.71
N ASP A 330 31.95 -21.09 -15.57
CA ASP A 330 30.68 -21.79 -15.73
C ASP A 330 29.75 -20.99 -16.63
N THR A 331 28.82 -21.69 -17.28
CA THR A 331 27.84 -21.07 -18.17
C THR A 331 26.40 -21.47 -17.88
N LYS A 332 26.16 -22.54 -17.14
CA LYS A 332 24.82 -23.09 -16.94
C LYS A 332 24.18 -22.63 -15.64
N ASN A 333 24.82 -21.75 -14.89
CA ASN A 333 24.24 -21.28 -13.63
C ASN A 333 22.94 -20.52 -13.86
N VAL A 334 22.90 -19.69 -14.89
CA VAL A 334 21.67 -18.96 -15.18
C VAL A 334 20.56 -19.93 -15.57
N GLN A 335 20.90 -20.99 -16.32
CA GLN A 335 19.90 -21.98 -16.69
C GLN A 335 19.37 -22.71 -15.47
N PHE A 336 20.26 -23.10 -14.54
CA PHE A 336 19.81 -23.77 -13.33
C PHE A 336 18.94 -22.86 -12.48
N VAL A 337 19.32 -21.59 -12.35
CA VAL A 337 18.53 -20.67 -11.57
C VAL A 337 17.16 -20.47 -12.22
N PHE A 338 17.11 -20.44 -13.55
CA PHE A 338 15.83 -20.35 -14.23
C PHE A 338 14.97 -21.57 -13.93
N ASP A 339 15.56 -22.76 -13.96
CA ASP A 339 14.81 -23.97 -13.65
C ASP A 339 14.27 -23.94 -12.23
N ALA A 340 15.10 -23.55 -11.27
CA ALA A 340 14.68 -23.50 -9.88
C ALA A 340 13.58 -22.46 -9.67
N VAL A 341 13.70 -21.30 -10.33
CA VAL A 341 12.68 -20.28 -10.16
C VAL A 341 11.38 -20.68 -10.85
N THR A 342 11.44 -21.42 -11.96
CA THR A 342 10.21 -21.99 -12.51
C THR A 342 9.58 -22.97 -11.53
N ASP A 343 10.39 -23.79 -10.86
CA ASP A 343 9.85 -24.70 -9.86
C ASP A 343 9.15 -23.93 -8.73
N VAL A 344 9.81 -22.89 -8.22
CA VAL A 344 9.23 -22.18 -7.08
C VAL A 344 8.03 -21.36 -7.51
N ILE A 345 8.02 -20.81 -8.72
CA ILE A 345 6.85 -20.07 -9.17
C ILE A 345 5.69 -21.01 -9.44
N ILE A 346 5.95 -22.24 -9.88
CA ILE A 346 4.89 -23.23 -9.98
C ILE A 346 4.34 -23.56 -8.60
N LYS A 347 5.21 -23.69 -7.61
CA LYS A 347 4.73 -23.93 -6.24
C LYS A 347 3.88 -22.77 -5.75
N ASN A 348 4.32 -21.54 -6.02
CA ASN A 348 3.55 -20.37 -5.60
C ASN A 348 2.20 -20.32 -6.31
N ASN A 349 2.17 -20.64 -7.59
CA ASN A 349 0.91 -20.67 -8.32
C ASN A 349 -0.03 -21.73 -7.75
N LEU A 350 0.50 -22.92 -7.44
CA LEU A 350 -0.33 -23.96 -6.85
C LEU A 350 -0.87 -23.54 -5.50
N LYS A 351 -0.05 -22.89 -4.68
CA LYS A 351 -0.53 -22.44 -3.38
C LYS A 351 -1.57 -21.35 -3.51
N ASP A 352 -1.39 -20.42 -4.45
CA ASP A 352 -2.36 -19.35 -4.65
C ASP A 352 -3.68 -19.89 -5.15
N CYS A 353 -3.64 -20.77 -6.15
CA CYS A 353 -4.86 -21.37 -6.68
C CYS A 353 -5.54 -22.28 -5.68
N GLY A 354 -4.86 -22.69 -4.62
CA GLY A 354 -5.45 -23.57 -3.64
C GLY A 354 -5.51 -25.03 -4.04
N LEU A 355 -4.92 -25.39 -5.17
CA LEU A 355 -4.95 -26.78 -5.61
C LEU A 355 -4.14 -27.67 -4.67
N PHE A 356 -3.10 -27.12 -4.06
CA PHE A 356 -2.26 -27.87 -3.13
C PHE A 356 -3.03 -28.32 -1.89
N GLU B 2 48.61 0.69 32.91
CA GLU B 2 47.57 0.94 33.90
C GLU B 2 46.19 0.99 33.25
N LEU B 3 46.07 0.37 32.07
CA LEU B 3 44.80 0.35 31.37
C LEU B 3 43.76 -0.45 32.15
N ASP B 4 44.18 -1.53 32.82
CA ASP B 4 43.27 -2.24 33.71
C ASP B 4 42.77 -1.33 34.82
N GLN B 5 43.67 -0.52 35.40
CA GLN B 5 43.26 0.45 36.40
C GLN B 5 42.27 1.45 35.82
N LEU B 6 42.49 1.89 34.58
CA LEU B 6 41.60 2.84 33.95
C LEU B 6 40.20 2.26 33.77
N ARG B 7 40.10 1.03 33.28
CA ARG B 7 38.77 0.46 33.05
C ARG B 7 38.08 0.14 34.37
N GLN B 8 38.83 -0.31 35.39
CA GLN B 8 38.22 -0.54 36.69
C GLN B 8 37.76 0.76 37.33
N GLU B 9 38.51 1.85 37.15
CA GLU B 9 38.09 3.15 37.65
C GLU B 9 36.84 3.64 36.92
N ALA B 10 36.76 3.39 35.62
CA ALA B 10 35.54 3.72 34.89
C ALA B 10 34.35 2.93 35.42
N GLU B 11 34.55 1.64 35.70
CA GLU B 11 33.48 0.83 36.27
C GLU B 11 33.06 1.35 37.64
N GLN B 12 34.04 1.76 38.46
CA GLN B 12 33.72 2.31 39.77
C GLN B 12 32.94 3.61 39.65
N LEU B 13 33.30 4.43 38.66
CA LEU B 13 32.53 5.66 38.41
C LEU B 13 31.11 5.34 37.96
N LYS B 14 30.93 4.30 37.16
CA LYS B 14 29.58 3.87 36.78
C LYS B 14 28.79 3.42 38.02
N ASN B 15 29.44 2.69 38.93
CA ASN B 15 28.77 2.31 40.17
C ASN B 15 28.41 3.55 40.99
N GLN B 16 29.30 4.55 41.01
CA GLN B 16 29.02 5.77 41.75
C GLN B 16 27.84 6.54 41.15
N ILE B 17 27.75 6.62 39.82
CA ILE B 17 26.62 7.33 39.22
C ILE B 17 25.33 6.56 39.44
N ARG B 18 25.40 5.22 39.45
CA ARG B 18 24.22 4.43 39.79
C ARG B 18 23.78 4.70 41.24
N ASP B 19 24.74 4.78 42.16
CA ASP B 19 24.41 5.10 43.54
C ASP B 19 23.80 6.50 43.65
N ALA B 20 24.32 7.46 42.88
CA ALA B 20 23.76 8.80 42.87
C ALA B 20 22.33 8.79 42.33
N ARG B 21 22.08 8.00 41.29
CA ARG B 21 20.72 7.86 40.77
C ARG B 21 19.79 7.29 41.84
N LYS B 22 20.26 6.27 42.57
CA LYS B 22 19.46 5.71 43.65
C LYS B 22 19.18 6.76 44.73
N ALA B 23 20.19 7.53 45.10
CA ALA B 23 20.00 8.58 46.10
C ALA B 23 19.07 9.67 45.59
N CYS B 24 19.20 10.04 44.31
CA CYS B 24 18.35 11.09 43.76
C CYS B 24 16.89 10.66 43.69
N ALA B 25 16.63 9.36 43.72
CA ALA B 25 15.25 8.88 43.73
C ALA B 25 14.58 9.24 45.05
N ASP B 26 13.34 9.68 44.98
CA ASP B 26 12.56 10.02 46.17
C ASP B 26 11.26 9.24 46.27
N ALA B 27 10.62 8.96 45.13
CA ALA B 27 9.39 8.18 45.11
C ALA B 27 9.19 7.69 43.69
N THR B 28 8.02 7.09 43.45
CA THR B 28 7.66 6.55 42.16
C THR B 28 6.56 7.41 41.54
N LEU B 29 6.57 7.51 40.21
CA LEU B 29 5.53 8.27 39.52
C LEU B 29 4.15 7.74 39.83
N SER B 30 4.00 6.41 39.90
CA SER B 30 2.71 5.83 40.25
C SER B 30 2.27 6.23 41.65
N GLN B 31 3.21 6.27 42.60
CA GLN B 31 2.88 6.71 43.94
C GLN B 31 2.49 8.18 43.96
N ILE B 32 3.16 9.02 43.18
CA ILE B 32 2.85 10.45 43.15
C ILE B 32 1.46 10.68 42.55
N THR B 33 1.15 9.98 41.46
CA THR B 33 -0.06 10.27 40.69
C THR B 33 -1.32 9.69 41.31
N ASN B 34 -1.27 9.23 42.56
CA ASN B 34 -2.48 8.78 43.21
C ASN B 34 -3.35 9.97 43.62
N ASN B 35 -4.59 9.65 44.01
CA ASN B 35 -5.61 10.66 44.30
C ASN B 35 -5.89 11.51 43.07
N ILE B 36 -5.67 10.95 41.89
CA ILE B 36 -5.91 11.63 40.62
C ILE B 36 -6.90 10.79 39.81
N ASP B 37 -7.80 11.48 39.13
CA ASP B 37 -8.88 10.82 38.41
C ASP B 37 -8.33 9.90 37.33
N PRO B 38 -8.67 8.61 37.35
CA PRO B 38 -8.25 7.71 36.28
C PRO B 38 -8.91 8.08 34.97
N VAL B 39 -8.19 7.82 33.87
CA VAL B 39 -8.71 8.16 32.55
C VAL B 39 -9.93 7.33 32.17
N GLY B 40 -9.99 6.07 32.58
CA GLY B 40 -11.13 5.22 32.26
C GLY B 40 -11.03 4.62 30.87
N ARG B 41 -12.16 4.10 30.40
CA ARG B 41 -12.25 3.44 29.11
C ARG B 41 -11.95 4.44 27.98
N ILE B 42 -11.29 3.95 26.94
CA ILE B 42 -11.00 4.74 25.75
C ILE B 42 -11.53 4.01 24.52
N GLN B 43 -12.52 4.58 23.86
CA GLN B 43 -13.09 4.03 22.63
C GLN B 43 -12.70 4.95 21.48
N MET B 44 -11.91 4.43 20.55
CA MET B 44 -11.38 5.22 19.45
C MET B 44 -11.69 4.51 18.14
N ARG B 45 -12.77 4.92 17.48
CA ARG B 45 -13.19 4.28 16.25
C ARG B 45 -12.34 4.74 15.07
N THR B 46 -12.32 3.92 14.03
CA THR B 46 -11.68 4.32 12.78
C THR B 46 -12.46 5.44 12.13
N ARG B 47 -11.75 6.46 11.66
CA ARG B 47 -12.38 7.56 10.96
C ARG B 47 -12.05 7.62 9.48
N ARG B 48 -10.86 7.16 9.08
CA ARG B 48 -10.46 7.10 7.69
C ARG B 48 -9.65 5.82 7.46
N THR B 49 -9.61 5.38 6.21
CA THR B 49 -8.73 4.28 5.82
C THR B 49 -8.08 4.66 4.50
N LEU B 50 -6.80 4.33 4.36
CA LEU B 50 -6.01 4.75 3.20
C LEU B 50 -5.59 3.51 2.43
N ARG B 51 -6.43 3.10 1.48
CA ARG B 51 -6.22 1.87 0.71
C ARG B 51 -5.57 2.19 -0.64
N GLY B 52 -4.37 2.77 -0.55
CA GLY B 52 -3.65 3.11 -1.75
C GLY B 52 -2.43 2.25 -2.01
N HIS B 53 -1.80 1.77 -0.94
CA HIS B 53 -0.56 1.03 -1.09
C HIS B 53 -0.82 -0.38 -1.61
N LEU B 54 0.25 -1.03 -2.05
CA LEU B 54 0.19 -2.39 -2.56
C LEU B 54 1.22 -3.31 -1.89
N ALA B 55 1.78 -2.88 -0.77
CA ALA B 55 2.79 -3.66 -0.06
C ALA B 55 2.82 -3.20 1.39
N LYS B 56 3.88 -3.57 2.09
CA LYS B 56 4.01 -3.20 3.50
C LYS B 56 4.21 -1.69 3.64
N ILE B 57 3.92 -1.19 4.84
CA ILE B 57 4.04 0.22 5.16
C ILE B 57 4.95 0.35 6.37
N TYR B 58 5.97 1.22 6.26
CA TYR B 58 7.06 1.23 7.21
C TYR B 58 7.18 2.48 8.06
N ALA B 59 6.63 3.62 7.63
CA ALA B 59 6.83 4.85 8.38
C ALA B 59 5.69 5.81 8.06
N MET B 60 5.64 6.91 8.83
CA MET B 60 4.57 7.89 8.71
C MET B 60 5.01 9.20 9.35
N HIS B 61 4.53 10.33 8.84
CA HIS B 61 4.76 11.61 9.50
C HIS B 61 3.63 12.55 9.13
N TRP B 62 3.47 13.60 9.94
CA TRP B 62 2.41 14.57 9.79
C TRP B 62 3.01 15.95 9.50
N GLY B 63 2.27 16.76 8.77
CA GLY B 63 2.64 18.14 8.59
C GLY B 63 2.29 18.99 9.80
N THR B 64 2.70 20.25 9.74
CA THR B 64 2.38 21.18 10.81
C THR B 64 0.87 21.42 10.88
N ASP B 65 0.21 21.57 9.74
CA ASP B 65 -1.23 21.76 9.73
C ASP B 65 -2.00 20.49 10.07
N SER B 66 -1.32 19.35 10.16
CA SER B 66 -1.93 18.08 10.55
C SER B 66 -3.08 17.70 9.60
N ARG B 67 -2.80 17.76 8.30
CA ARG B 67 -3.76 17.32 7.30
C ARG B 67 -3.16 16.46 6.20
N LEU B 68 -1.83 16.35 6.12
CA LEU B 68 -1.18 15.61 5.05
C LEU B 68 -0.31 14.51 5.64
N LEU B 69 -0.57 13.27 5.26
CA LEU B 69 0.24 12.16 5.69
C LEU B 69 1.40 11.95 4.72
N VAL B 70 2.40 11.20 5.20
CA VAL B 70 3.46 10.70 4.32
C VAL B 70 3.73 9.26 4.71
N SER B 71 3.72 8.35 3.74
CA SER B 71 3.77 6.92 3.99
C SER B 71 4.91 6.30 3.22
N ALA B 72 5.84 5.68 3.94
CA ALA B 72 6.91 4.89 3.32
C ALA B 72 6.43 3.45 3.17
N SER B 73 6.55 2.92 1.97
CA SER B 73 6.03 1.59 1.67
C SER B 73 7.15 0.57 1.54
N GLN B 74 6.76 -0.67 1.22
CA GLN B 74 7.74 -1.71 0.91
C GLN B 74 8.20 -1.61 -0.54
N ASP B 75 7.26 -1.43 -1.46
CA ASP B 75 7.60 -1.03 -2.82
C ASP B 75 7.69 0.49 -2.84
N GLY B 76 8.80 1.03 -3.33
CA GLY B 76 9.01 2.45 -3.19
C GLY B 76 7.93 3.24 -3.91
N LYS B 77 6.96 3.71 -3.13
CA LYS B 77 5.82 4.47 -3.63
C LYS B 77 5.41 5.53 -2.63
N LEU B 78 6.38 6.28 -2.10
CA LEU B 78 6.11 7.29 -1.09
C LEU B 78 4.94 8.19 -1.49
N ILE B 79 3.86 8.13 -0.71
CA ILE B 79 2.62 8.84 -1.00
C ILE B 79 2.42 9.95 0.02
N ILE B 80 1.99 11.12 -0.45
CA ILE B 80 1.54 12.21 0.41
C ILE B 80 0.02 12.15 0.42
N TRP B 81 -0.56 11.62 1.49
CA TRP B 81 -2.01 11.53 1.53
C TRP B 81 -2.62 12.86 2.00
N ASP B 82 -3.94 12.88 2.09
CA ASP B 82 -4.69 13.99 2.66
C ASP B 82 -5.62 13.41 3.72
N SER B 83 -5.76 14.13 4.83
CA SER B 83 -6.42 13.59 6.02
C SER B 83 -7.93 13.73 5.98
N TYR B 84 -8.44 14.96 5.84
CA TYR B 84 -9.87 15.20 5.97
C TYR B 84 -10.65 14.41 4.93
N THR B 85 -10.23 14.51 3.67
CA THR B 85 -10.75 13.63 2.63
C THR B 85 -9.84 12.43 2.50
N THR B 86 -10.01 11.64 1.45
CA THR B 86 -9.11 10.52 1.18
C THR B 86 -8.60 10.64 -0.26
N ASN B 87 -7.53 11.41 -0.43
CA ASN B 87 -6.95 11.60 -1.75
C ASN B 87 -5.47 11.31 -1.74
N LYS B 88 -4.80 11.59 -2.86
CA LYS B 88 -3.35 11.43 -2.98
C LYS B 88 -2.83 12.71 -3.61
N VAL B 89 -2.22 13.57 -2.79
CA VAL B 89 -1.67 14.81 -3.30
C VAL B 89 -0.47 14.54 -4.19
N HIS B 90 0.35 13.55 -3.83
CA HIS B 90 1.49 13.16 -4.63
C HIS B 90 1.71 11.66 -4.51
N ALA B 91 2.49 11.12 -5.43
CA ALA B 91 2.96 9.73 -5.38
C ALA B 91 4.40 9.71 -5.87
N ILE B 92 5.35 9.57 -4.95
CA ILE B 92 6.76 9.70 -5.26
C ILE B 92 7.37 8.32 -5.52
N PRO B 93 7.80 8.02 -6.74
CA PRO B 93 8.48 6.74 -6.97
C PRO B 93 9.92 6.76 -6.51
N LEU B 94 10.22 6.08 -5.40
CA LEU B 94 11.56 6.10 -4.86
C LEU B 94 12.52 5.30 -5.75
N ARG B 95 13.80 5.68 -5.70
CA ARG B 95 14.83 4.97 -6.43
C ARG B 95 15.07 3.57 -5.87
N SER B 96 15.15 3.46 -4.55
CA SER B 96 15.33 2.19 -3.87
C SER B 96 14.02 1.84 -3.15
N SER B 97 13.47 0.67 -3.48
CA SER B 97 12.23 0.24 -2.86
C SER B 97 12.35 0.09 -1.35
N TRP B 98 13.54 -0.21 -0.85
CA TRP B 98 13.73 -0.47 0.57
C TRP B 98 13.83 0.86 1.32
N VAL B 99 12.73 1.26 1.95
CA VAL B 99 12.68 2.50 2.71
C VAL B 99 12.12 2.16 4.09
N MET B 100 12.80 2.60 5.15
CA MET B 100 12.43 2.27 6.51
C MET B 100 12.07 3.49 7.34
N THR B 101 12.05 4.67 6.73
CA THR B 101 11.68 5.88 7.45
C THR B 101 11.16 6.90 6.44
N CYS B 102 10.40 7.86 6.95
CA CYS B 102 9.92 8.98 6.14
C CYS B 102 9.67 10.14 7.08
N ALA B 103 9.96 11.34 6.59
CA ALA B 103 9.81 12.55 7.40
C ALA B 103 9.30 13.66 6.51
N TYR B 104 8.28 14.36 6.98
CA TYR B 104 7.67 15.46 6.25
C TYR B 104 8.07 16.74 6.97
N ALA B 105 8.69 17.66 6.23
CA ALA B 105 9.31 18.82 6.85
C ALA B 105 8.27 19.67 7.57
N PRO B 106 8.64 20.36 8.66
CA PRO B 106 7.66 21.13 9.42
C PRO B 106 7.14 22.34 8.67
N SER B 107 7.77 22.67 7.55
CA SER B 107 7.34 23.77 6.70
C SER B 107 6.43 23.32 5.57
N GLY B 108 6.23 22.02 5.39
CA GLY B 108 5.36 21.52 4.36
C GLY B 108 5.98 21.47 2.97
N ASN B 109 7.26 21.79 2.84
CA ASN B 109 7.89 21.81 1.53
C ASN B 109 8.55 20.48 1.20
N TYR B 110 9.49 20.06 2.03
CA TYR B 110 10.34 18.91 1.74
C TYR B 110 9.83 17.65 2.41
N VAL B 111 10.31 16.51 1.93
CA VAL B 111 10.01 15.21 2.52
C VAL B 111 11.23 14.31 2.31
N ALA B 112 11.55 13.52 3.31
CA ALA B 112 12.73 12.67 3.29
C ALA B 112 12.34 11.19 3.39
N CYS B 113 13.27 10.34 2.96
CA CYS B 113 13.09 8.90 3.02
C CYS B 113 14.45 8.26 3.20
N GLY B 114 14.47 7.08 3.82
CA GLY B 114 15.71 6.37 4.05
C GLY B 114 15.47 4.90 4.26
N GLY B 115 16.46 4.09 3.88
CA GLY B 115 16.34 2.65 4.02
C GLY B 115 17.66 1.92 3.97
N LEU B 116 17.67 0.75 3.32
CA LEU B 116 18.87 -0.09 3.30
C LEU B 116 19.93 0.49 2.37
N ASP B 117 19.58 1.49 1.57
CA ASP B 117 20.53 2.08 0.63
C ASP B 117 21.59 2.93 1.33
N ASN B 118 21.44 3.18 2.63
CA ASN B 118 22.37 4.00 3.40
C ASN B 118 22.43 5.43 2.87
N ILE B 119 21.36 5.88 2.22
CA ILE B 119 21.29 7.22 1.65
C ILE B 119 19.94 7.83 2.00
N CYS B 120 19.95 9.05 2.50
CA CYS B 120 18.73 9.79 2.79
C CYS B 120 18.44 10.76 1.66
N SER B 121 17.31 10.58 0.99
CA SER B 121 16.91 11.42 -0.12
C SER B 121 15.77 12.35 0.29
N ILE B 122 15.93 13.63 -0.04
CA ILE B 122 14.98 14.67 0.35
C ILE B 122 14.27 15.13 -0.92
N TYR B 123 12.94 15.08 -0.90
CA TYR B 123 12.15 15.47 -2.06
C TYR B 123 11.52 16.84 -1.86
N ASN B 124 11.49 17.63 -2.93
CA ASN B 124 10.89 18.94 -2.89
C ASN B 124 9.52 18.90 -3.56
N LEU B 125 8.54 19.57 -2.93
CA LEU B 125 7.17 19.54 -3.40
C LEU B 125 6.73 20.85 -4.03
N LYS B 126 6.88 21.97 -3.32
CA LYS B 126 6.46 23.27 -3.85
C LYS B 126 7.48 23.74 -4.88
N THR B 127 7.40 23.11 -6.05
CA THR B 127 8.32 23.39 -7.15
C THR B 127 7.56 23.96 -8.33
N ARG B 128 8.09 25.02 -8.93
CA ARG B 128 7.62 25.41 -10.25
C ARG B 128 7.93 24.30 -11.23
N GLU B 129 7.10 24.17 -12.26
CA GLU B 129 7.09 23.00 -13.13
C GLU B 129 6.81 21.74 -12.30
N GLY B 130 5.60 21.72 -11.76
CA GLY B 130 5.24 20.84 -10.66
C GLY B 130 5.52 19.37 -10.86
N ASN B 131 6.53 18.88 -10.13
CA ASN B 131 6.87 17.46 -10.08
C ASN B 131 7.84 17.25 -8.94
N VAL B 132 7.57 16.27 -8.08
CA VAL B 132 8.45 15.98 -6.96
C VAL B 132 9.81 15.53 -7.49
N ARG B 133 10.87 16.20 -7.04
CA ARG B 133 12.21 15.92 -7.53
C ARG B 133 13.18 15.81 -6.36
N VAL B 134 14.27 15.09 -6.59
CA VAL B 134 15.29 14.87 -5.56
C VAL B 134 16.03 16.18 -5.34
N SER B 135 15.86 16.79 -4.18
CA SER B 135 16.60 17.99 -3.85
C SER B 135 18.04 17.71 -3.46
N ARG B 136 18.29 16.57 -2.79
CA ARG B 136 19.63 16.22 -2.34
C ARG B 136 19.64 14.76 -1.92
N GLU B 137 20.67 14.03 -2.36
CA GLU B 137 20.89 12.65 -1.95
C GLU B 137 22.02 12.63 -0.94
N LEU B 138 21.66 12.74 0.34
CA LEU B 138 22.66 12.76 1.41
C LEU B 138 23.32 11.39 1.52
N ALA B 139 24.65 11.38 1.51
CA ALA B 139 25.42 10.15 1.61
C ALA B 139 26.59 10.35 2.56
N GLY B 140 27.02 9.24 3.17
CA GLY B 140 28.10 9.29 4.14
C GLY B 140 27.94 8.30 5.27
N HIS B 141 26.76 7.70 5.38
CA HIS B 141 26.51 6.67 6.37
C HIS B 141 26.90 5.30 5.81
N THR B 142 27.36 4.42 6.70
CA THR B 142 27.82 3.10 6.28
C THR B 142 26.70 2.07 6.38
N GLY B 143 26.09 1.92 7.56
CA GLY B 143 25.03 0.98 7.74
C GLY B 143 23.73 1.48 7.13
N TYR B 144 22.65 0.76 7.43
CA TYR B 144 21.33 1.17 6.95
C TYR B 144 20.92 2.47 7.63
N LEU B 145 19.74 2.96 7.28
CA LEU B 145 19.20 4.17 7.87
C LEU B 145 17.86 3.85 8.53
N SER B 146 17.67 4.37 9.73
CA SER B 146 16.52 3.99 10.54
C SER B 146 15.47 5.07 10.67
N CYS B 147 15.87 6.33 10.93
CA CYS B 147 14.89 7.40 11.07
C CYS B 147 15.54 8.73 10.76
N CYS B 148 14.81 9.59 10.05
CA CYS B 148 15.23 10.95 9.76
C CYS B 148 14.17 11.92 10.23
N ARG B 149 14.61 13.09 10.69
CA ARG B 149 13.71 14.13 11.17
C ARG B 149 14.23 15.48 10.70
N PHE B 150 13.30 16.38 10.39
CA PHE B 150 13.63 17.68 9.82
C PHE B 150 13.66 18.74 10.91
N LEU B 151 14.85 19.28 11.18
CA LEU B 151 14.94 20.46 12.05
C LEU B 151 14.38 21.70 11.35
N ASP B 152 14.77 21.91 10.10
CA ASP B 152 14.30 23.03 9.31
C ASP B 152 14.44 22.66 7.84
N ASP B 153 14.36 23.67 6.97
CA ASP B 153 14.47 23.44 5.53
C ASP B 153 15.90 23.30 5.05
N ASN B 154 16.88 23.38 5.96
CA ASN B 154 18.28 23.26 5.60
C ASN B 154 19.04 22.21 6.39
N GLN B 155 18.58 21.83 7.57
CA GLN B 155 19.23 20.83 8.41
C GLN B 155 18.32 19.62 8.59
N ILE B 156 18.93 18.45 8.73
CA ILE B 156 18.18 17.22 8.95
C ILE B 156 19.04 16.28 9.78
N VAL B 157 18.41 15.56 10.70
CA VAL B 157 19.09 14.62 11.59
C VAL B 157 18.81 13.20 11.11
N THR B 158 19.68 12.29 11.50
CA THR B 158 19.64 10.92 11.00
C THR B 158 20.17 9.96 12.05
N SER B 159 19.53 8.79 12.13
CA SER B 159 19.99 7.68 12.96
C SER B 159 20.23 6.50 12.03
N SER B 160 21.48 6.13 11.83
CA SER B 160 21.84 5.15 10.81
C SER B 160 22.05 3.77 11.42
N GLY B 161 22.49 2.83 10.59
CA GLY B 161 22.70 1.46 11.01
C GLY B 161 24.04 1.25 11.68
N ASP B 162 25.03 2.04 11.30
CA ASP B 162 26.25 2.06 12.07
C ASP B 162 25.99 2.79 13.39
N THR B 163 26.92 2.65 14.33
CA THR B 163 26.71 3.23 15.65
C THR B 163 26.94 4.73 15.64
N THR B 164 26.21 5.46 14.78
CA THR B 164 26.36 6.90 14.68
C THR B 164 25.00 7.53 14.44
N CYS B 165 24.88 8.80 14.81
CA CYS B 165 23.77 9.65 14.43
C CYS B 165 24.35 10.96 13.92
N ALA B 166 23.89 11.41 12.76
CA ALA B 166 24.52 12.54 12.09
C ALA B 166 23.51 13.66 11.86
N LEU B 167 24.02 14.89 11.91
CA LEU B 167 23.25 16.09 11.60
C LEU B 167 23.72 16.60 10.25
N TRP B 168 22.85 16.56 9.25
CA TRP B 168 23.24 16.81 7.87
C TRP B 168 23.08 18.29 7.53
N ASP B 169 23.31 18.62 6.27
CA ASP B 169 23.15 19.98 5.78
C ASP B 169 22.64 19.87 4.34
N ILE B 170 21.40 20.30 4.11
CA ILE B 170 20.79 20.10 2.79
C ILE B 170 21.50 20.94 1.73
N GLU B 171 21.97 22.14 2.09
CA GLU B 171 22.66 22.98 1.13
C GLU B 171 23.94 22.32 0.65
N THR B 172 24.83 21.96 1.57
CA THR B 172 26.08 21.26 1.27
C THR B 172 25.97 19.87 1.87
N GLY B 173 25.90 18.85 1.00
CA GLY B 173 25.49 17.53 1.41
C GLY B 173 26.39 16.78 2.38
N GLN B 174 27.45 17.41 2.86
CA GLN B 174 28.33 16.80 3.84
C GLN B 174 27.82 17.09 5.25
N GLN B 175 28.13 16.18 6.18
CA GLN B 175 27.65 16.29 7.55
C GLN B 175 28.25 17.51 8.23
N THR B 176 27.47 18.12 9.12
CA THR B 176 27.99 19.15 10.01
C THR B 176 28.57 18.54 11.29
N THR B 177 27.77 17.71 11.97
CA THR B 177 28.21 17.02 13.17
C THR B 177 27.93 15.52 13.02
N THR B 178 28.71 14.72 13.73
CA THR B 178 28.56 13.26 13.74
C THR B 178 28.55 12.79 15.18
N PHE B 179 27.35 12.57 15.72
CA PHE B 179 27.22 12.10 17.10
C PHE B 179 27.59 10.62 17.16
N THR B 180 28.47 10.27 18.09
CA THR B 180 28.90 8.89 18.23
C THR B 180 29.20 8.58 19.70
N GLY B 181 28.28 7.87 20.34
CA GLY B 181 28.50 7.41 21.70
C GLY B 181 27.89 6.04 21.93
N HIS B 182 27.32 5.46 20.88
CA HIS B 182 26.51 4.26 21.01
C HIS B 182 27.35 3.00 20.81
N THR B 183 26.70 1.84 21.00
CA THR B 183 27.26 0.56 20.61
C THR B 183 26.12 -0.26 20.03
N GLY B 184 26.29 -0.73 18.80
CA GLY B 184 25.20 -1.37 18.09
C GLY B 184 24.36 -0.38 17.33
N ASP B 185 23.51 -0.88 16.43
CA ASP B 185 22.75 -0.02 15.54
C ASP B 185 21.71 0.80 16.29
N VAL B 186 21.35 1.94 15.69
CA VAL B 186 20.39 2.88 16.26
C VAL B 186 19.11 2.81 15.44
N MET B 187 17.96 2.74 16.13
CA MET B 187 16.69 2.44 15.48
C MET B 187 15.72 3.62 15.40
N SER B 188 15.79 4.59 16.28
CA SER B 188 14.82 5.68 16.27
C SER B 188 15.42 6.88 16.96
N LEU B 189 14.80 8.04 16.73
CA LEU B 189 15.16 9.27 17.41
C LEU B 189 13.98 10.23 17.32
N SER B 190 13.91 11.14 18.28
CA SER B 190 12.83 12.12 18.32
C SER B 190 13.40 13.46 18.75
N LEU B 191 13.11 14.49 17.97
CA LEU B 191 13.59 15.84 18.26
C LEU B 191 12.78 16.47 19.38
N ALA B 192 13.35 17.52 19.96
CA ALA B 192 12.66 18.27 21.00
C ALA B 192 11.60 19.19 20.39
N PRO B 193 10.60 19.58 21.17
CA PRO B 193 9.64 20.57 20.68
C PRO B 193 10.28 21.91 20.35
N ASP B 194 11.42 22.23 20.94
CA ASP B 194 12.16 23.44 20.62
C ASP B 194 13.33 23.18 19.67
N THR B 195 13.43 21.95 19.14
CA THR B 195 14.47 21.55 18.18
C THR B 195 15.86 21.90 18.68
N ARG B 196 16.13 21.65 19.97
CA ARG B 196 17.43 21.91 20.56
C ARG B 196 18.15 20.65 20.99
N LEU B 197 17.42 19.63 21.44
CA LEU B 197 18.00 18.35 21.84
C LEU B 197 17.22 17.22 21.20
N PHE B 198 17.77 16.01 21.30
CA PHE B 198 17.08 14.80 20.88
C PHE B 198 17.74 13.58 21.51
N VAL B 199 17.02 12.47 21.53
CA VAL B 199 17.57 11.20 22.01
C VAL B 199 17.43 10.16 20.90
N SER B 200 18.39 9.25 20.84
CA SER B 200 18.36 8.15 19.89
C SER B 200 18.39 6.84 20.66
N GLY B 201 17.51 5.91 20.30
CA GLY B 201 17.44 4.65 20.99
C GLY B 201 18.15 3.53 20.26
N ALA B 202 19.36 3.22 20.69
CA ALA B 202 20.11 2.14 20.05
C ALA B 202 19.68 0.80 20.62
N CYS B 203 20.16 -0.27 19.99
CA CYS B 203 19.78 -1.63 20.38
C CYS B 203 20.56 -2.10 21.61
N ASP B 204 21.48 -1.28 22.10
CA ASP B 204 22.24 -1.64 23.30
C ASP B 204 21.46 -1.40 24.59
N ALA B 205 20.13 -1.26 24.50
CA ALA B 205 19.28 -1.01 25.65
C ALA B 205 19.72 0.26 26.38
N SER B 206 20.06 1.29 25.60
CA SER B 206 20.47 2.56 26.18
C SER B 206 20.03 3.69 25.26
N ALA B 207 19.54 4.77 25.85
CA ALA B 207 19.19 5.98 25.12
C ALA B 207 20.10 7.12 25.54
N LYS B 208 20.52 7.92 24.57
CA LYS B 208 21.46 9.00 24.81
C LYS B 208 20.84 10.35 24.44
N LEU B 209 21.11 11.34 25.26
CA LEU B 209 20.63 12.70 25.04
C LEU B 209 21.73 13.49 24.36
N TRP B 210 21.46 13.97 23.15
CA TRP B 210 22.46 14.65 22.35
C TRP B 210 22.22 16.16 22.41
N ASP B 211 23.09 16.93 21.76
CA ASP B 211 22.95 18.38 21.70
C ASP B 211 23.45 18.80 20.33
N VAL B 212 22.55 19.37 19.52
CA VAL B 212 22.85 19.59 18.11
C VAL B 212 24.00 20.57 17.93
N ARG B 213 24.00 21.67 18.70
CA ARG B 213 25.03 22.68 18.52
C ARG B 213 26.40 22.18 18.96
N GLU B 214 26.53 21.80 20.24
CA GLU B 214 27.83 21.37 20.76
C GLU B 214 28.29 20.07 20.12
N GLY B 215 27.38 19.14 19.87
CA GLY B 215 27.72 17.89 19.22
C GLY B 215 28.12 16.77 20.15
N MET B 216 28.22 17.02 21.45
CA MET B 216 28.65 16.02 22.40
C MET B 216 27.45 15.45 23.14
N CYS B 217 27.54 14.17 23.49
CA CYS B 217 26.48 13.51 24.24
C CYS B 217 26.33 14.17 25.61
N ARG B 218 25.09 14.28 26.07
CA ARG B 218 24.77 14.97 27.31
C ARG B 218 24.42 14.04 28.45
N GLN B 219 23.47 13.12 28.23
CA GLN B 219 23.08 12.16 29.25
C GLN B 219 22.91 10.78 28.62
N THR B 220 23.00 9.76 29.48
CA THR B 220 22.75 8.38 29.08
C THR B 220 21.54 7.84 29.83
N PHE B 221 20.88 6.85 29.22
CA PHE B 221 19.63 6.30 29.76
C PHE B 221 19.62 4.79 29.57
N THR B 222 20.07 4.06 30.58
CA THR B 222 19.98 2.61 30.61
C THR B 222 18.68 2.21 31.30
N GLY B 223 18.57 0.93 31.67
CA GLY B 223 17.44 0.44 32.43
C GLY B 223 16.53 -0.50 31.69
N HIS B 224 16.92 -0.97 30.51
CA HIS B 224 16.11 -1.86 29.73
C HIS B 224 16.72 -3.26 29.70
N GLU B 225 16.05 -4.20 29.04
CA GLU B 225 16.50 -5.57 28.91
C GLU B 225 16.66 -6.03 27.47
N SER B 226 15.97 -5.39 26.53
CA SER B 226 16.07 -5.71 25.12
C SER B 226 16.41 -4.44 24.34
N ASP B 227 16.31 -4.53 23.02
CA ASP B 227 16.68 -3.41 22.17
C ASP B 227 15.55 -2.39 22.02
N ILE B 228 15.91 -1.10 22.03
CA ILE B 228 14.96 -0.01 21.86
C ILE B 228 14.50 0.04 20.41
N ASN B 229 13.22 0.31 20.18
CA ASN B 229 12.68 0.39 18.84
C ASN B 229 12.05 1.73 18.48
N ALA B 230 11.56 2.51 19.45
CA ALA B 230 10.94 3.77 19.11
C ALA B 230 11.01 4.72 20.30
N ILE B 231 11.10 6.01 20.01
CA ILE B 231 11.14 7.04 21.03
C ILE B 231 10.39 8.28 20.53
N CYS B 232 9.63 8.91 21.43
CA CYS B 232 9.02 10.20 21.14
C CYS B 232 8.98 11.00 22.44
N PHE B 233 9.50 12.23 22.41
CA PHE B 233 9.47 13.08 23.60
C PHE B 233 8.06 13.32 24.08
N PHE B 234 7.95 13.49 25.40
CA PHE B 234 6.75 14.02 26.00
C PHE B 234 6.51 15.41 25.44
N PRO B 235 5.26 15.85 25.29
CA PRO B 235 5.02 17.22 24.80
C PRO B 235 5.65 18.30 25.68
N ASN B 236 5.91 18.00 26.95
CA ASN B 236 6.63 18.94 27.80
C ASN B 236 8.04 19.20 27.27
N GLY B 237 8.68 18.19 26.68
CA GLY B 237 10.05 18.32 26.24
C GLY B 237 11.08 17.94 27.27
N ASN B 238 10.68 17.29 28.37
CA ASN B 238 11.60 16.88 29.41
C ASN B 238 11.38 15.42 29.81
N ALA B 239 10.91 14.60 28.88
CA ALA B 239 10.73 13.17 29.09
C ALA B 239 10.60 12.51 27.73
N PHE B 240 10.82 11.20 27.69
CA PHE B 240 10.67 10.48 26.44
C PHE B 240 10.38 9.02 26.72
N ALA B 241 9.37 8.47 26.06
CA ALA B 241 9.12 7.04 26.12
C ALA B 241 10.09 6.31 25.19
N THR B 242 10.23 5.00 25.44
CA THR B 242 11.15 4.19 24.63
C THR B 242 10.44 2.89 24.25
N GLY B 243 10.37 2.63 22.96
CA GLY B 243 9.91 1.34 22.50
C GLY B 243 10.88 0.24 22.88
N SER B 244 10.42 -1.00 22.79
CA SER B 244 11.19 -2.13 23.28
C SER B 244 10.89 -3.35 22.42
N ASP B 245 11.68 -4.40 22.61
CA ASP B 245 11.32 -5.75 22.18
C ASP B 245 10.85 -6.57 23.37
N ASP B 246 11.03 -6.06 24.59
CA ASP B 246 10.57 -6.71 25.80
C ASP B 246 9.11 -6.43 26.10
N ALA B 247 8.41 -5.72 25.20
CA ALA B 247 7.03 -5.29 25.42
C ALA B 247 6.92 -4.44 26.69
N THR B 248 7.91 -3.59 26.91
CA THR B 248 7.97 -2.74 28.10
C THR B 248 8.28 -1.32 27.68
N CYS B 249 7.25 -0.51 27.48
CA CYS B 249 7.47 0.92 27.31
C CYS B 249 8.02 1.51 28.60
N ARG B 250 8.94 2.46 28.45
CA ARG B 250 9.58 3.09 29.59
C ARG B 250 9.64 4.59 29.39
N LEU B 251 9.10 5.33 30.36
CA LEU B 251 9.11 6.79 30.35
C LEU B 251 10.28 7.28 31.19
N PHE B 252 11.31 7.79 30.52
CA PHE B 252 12.46 8.36 31.19
C PHE B 252 12.18 9.83 31.49
N ASP B 253 13.21 10.55 31.94
CA ASP B 253 13.06 11.97 32.23
C ASP B 253 14.43 12.62 32.13
N LEU B 254 14.42 13.96 32.06
CA LEU B 254 15.64 14.70 31.78
C LEU B 254 16.32 15.29 33.00
N ARG B 255 15.58 15.68 34.04
CA ARG B 255 16.21 16.28 35.20
C ARG B 255 16.52 15.30 36.32
N ALA B 256 15.85 14.14 36.36
CA ALA B 256 16.19 13.11 37.34
C ALA B 256 17.06 12.01 36.74
N ASP B 257 17.08 11.91 35.41
CA ASP B 257 17.98 11.01 34.68
C ASP B 257 17.66 9.54 34.93
N GLN B 258 16.63 9.26 35.73
CA GLN B 258 16.28 7.89 36.08
C GLN B 258 15.17 7.39 35.16
N GLU B 259 14.62 6.23 35.49
CA GLU B 259 13.50 5.64 34.78
C GLU B 259 12.26 5.76 35.65
N LEU B 260 11.21 6.39 35.12
CA LEU B 260 10.05 6.73 35.93
C LEU B 260 9.05 5.59 36.02
N MET B 261 8.58 5.08 34.89
CA MET B 261 7.48 4.11 34.91
C MET B 261 7.71 3.03 33.86
N THR B 262 7.14 1.86 34.12
CA THR B 262 7.24 0.71 33.22
C THR B 262 5.83 0.29 32.83
N TYR B 263 5.52 0.36 31.54
CA TYR B 263 4.20 -0.03 31.04
C TYR B 263 4.25 -1.46 30.52
N SER B 264 4.30 -2.39 31.46
CA SER B 264 4.48 -3.81 31.16
C SER B 264 3.36 -4.61 31.82
N HIS B 265 2.74 -5.49 31.04
CA HIS B 265 1.76 -6.44 31.55
C HIS B 265 2.14 -7.85 31.11
N ASP B 266 1.68 -8.84 31.88
CA ASP B 266 1.99 -10.22 31.54
C ASP B 266 1.35 -10.65 30.23
N ASN B 267 0.15 -10.12 29.93
CA ASN B 267 -0.57 -10.53 28.73
C ASN B 267 0.22 -10.18 27.47
N ILE B 268 0.80 -8.99 27.43
CA ILE B 268 1.57 -8.57 26.26
C ILE B 268 2.95 -9.20 26.31
N ILE B 269 3.33 -9.88 25.21
CA ILE B 269 4.66 -10.47 25.10
C ILE B 269 5.38 -10.08 23.83
N CYS B 270 4.70 -9.69 22.77
CA CYS B 270 5.35 -9.31 21.52
C CYS B 270 5.93 -7.91 21.63
N GLY B 271 6.89 -7.62 20.75
CA GLY B 271 7.66 -6.39 20.86
C GLY B 271 6.87 -5.16 20.45
N ILE B 272 7.51 -4.01 20.64
CA ILE B 272 6.95 -2.70 20.33
C ILE B 272 7.59 -2.19 19.04
N THR B 273 6.80 -1.51 18.22
CA THR B 273 7.31 -0.94 16.97
C THR B 273 7.32 0.58 16.93
N SER B 274 6.32 1.25 17.49
CA SER B 274 6.26 2.71 17.39
C SER B 274 5.51 3.26 18.59
N VAL B 275 6.11 4.25 19.25
CA VAL B 275 5.52 4.89 20.41
C VAL B 275 5.43 6.38 20.13
N SER B 276 4.25 6.94 20.35
CA SER B 276 4.04 8.37 20.11
C SER B 276 3.11 8.89 21.20
N PHE B 277 3.61 9.84 21.99
CA PHE B 277 2.78 10.47 23.00
C PHE B 277 1.65 11.25 22.36
N SER B 278 0.45 11.09 22.90
CA SER B 278 -0.65 11.93 22.49
C SER B 278 -0.45 13.34 23.04
N LYS B 279 -1.07 14.30 22.38
CA LYS B 279 -0.95 15.70 22.81
C LYS B 279 -1.50 15.84 24.22
N SER B 280 -0.86 16.71 25.00
CA SER B 280 -1.04 16.95 26.43
C SER B 280 -0.42 15.82 27.26
N GLY B 281 0.02 14.73 26.64
CA GLY B 281 0.85 13.76 27.29
C GLY B 281 0.17 12.66 28.09
N ARG B 282 -1.13 12.78 28.33
CA ARG B 282 -1.79 11.77 29.16
C ARG B 282 -1.94 10.42 28.47
N LEU B 283 -1.71 10.27 27.17
CA LEU B 283 -1.84 8.99 26.51
C LEU B 283 -0.54 8.62 25.83
N LEU B 284 -0.10 7.39 26.05
CA LEU B 284 1.14 6.85 25.47
C LEU B 284 0.76 5.72 24.53
N LEU B 285 0.74 6.02 23.24
CA LEU B 285 0.43 5.03 22.23
C LEU B 285 1.61 4.07 22.06
N ALA B 286 1.33 2.87 21.55
CA ALA B 286 2.37 1.87 21.37
C ALA B 286 1.92 0.84 20.35
N GLY B 287 2.63 0.76 19.23
CA GLY B 287 2.32 -0.21 18.20
C GLY B 287 3.02 -1.54 18.44
N TYR B 288 2.27 -2.54 18.88
CA TYR B 288 2.85 -3.82 19.26
C TYR B 288 3.01 -4.69 18.02
N ASP B 289 3.56 -5.89 18.20
CA ASP B 289 3.68 -6.86 17.13
C ASP B 289 2.49 -7.79 17.01
N ASP B 290 1.66 -7.88 18.05
CA ASP B 290 0.50 -8.76 18.01
C ASP B 290 -0.69 -8.06 17.37
N PHE B 291 -0.46 -7.42 16.22
CA PHE B 291 -1.51 -6.85 15.38
C PHE B 291 -2.42 -5.92 16.18
N ASN B 292 -1.81 -5.13 17.07
CA ASN B 292 -2.60 -4.42 18.05
C ASN B 292 -1.83 -3.22 18.60
N CYS B 293 -2.52 -2.10 18.79
CA CYS B 293 -1.93 -0.92 19.41
C CYS B 293 -2.44 -0.81 20.85
N ASN B 294 -1.99 0.22 21.56
CA ASN B 294 -2.44 0.40 22.93
C ASN B 294 -2.50 1.89 23.24
N VAL B 295 -3.30 2.23 24.25
CA VAL B 295 -3.63 3.62 24.54
C VAL B 295 -3.18 3.87 25.98
N TRP B 296 -2.06 3.25 26.35
CA TRP B 296 -1.50 3.31 27.70
C TRP B 296 -1.65 4.67 28.34
N ASP B 297 -2.20 4.69 29.55
CA ASP B 297 -2.32 5.90 30.35
C ASP B 297 -0.92 6.26 30.85
N ALA B 298 -0.42 7.41 30.45
CA ALA B 298 0.97 7.76 30.72
C ALA B 298 1.25 8.07 32.17
N LEU B 299 0.27 8.24 33.03
CA LEU B 299 0.52 8.54 34.43
C LEU B 299 0.24 7.36 35.34
N LYS B 300 -0.80 6.59 35.08
CA LYS B 300 -1.12 5.39 35.85
C LYS B 300 -0.84 4.19 34.96
N ALA B 301 -0.20 3.17 35.54
CA ALA B 301 0.26 2.03 34.75
C ALA B 301 -0.87 1.34 34.01
N ASP B 302 -2.08 1.35 34.56
CA ASP B 302 -3.19 0.63 33.96
C ASP B 302 -3.45 1.12 32.54
N ARG B 303 -3.65 0.17 31.63
CA ARG B 303 -3.95 0.51 30.26
C ARG B 303 -5.33 1.15 30.16
N ALA B 304 -5.44 2.14 29.27
CA ALA B 304 -6.67 2.88 29.08
C ALA B 304 -7.60 2.25 28.05
N GLY B 305 -7.06 1.75 26.96
CA GLY B 305 -7.88 1.15 25.94
C GLY B 305 -7.11 0.41 24.86
N VAL B 306 -7.78 -0.51 24.18
CA VAL B 306 -7.16 -1.25 23.10
C VAL B 306 -7.57 -0.65 21.76
N LEU B 307 -6.58 -0.49 20.88
CA LEU B 307 -6.78 0.13 19.57
C LEU B 307 -6.30 -0.88 18.53
N ALA B 308 -7.21 -1.71 18.05
CA ALA B 308 -6.86 -2.82 17.17
C ALA B 308 -7.90 -2.96 16.07
N GLY B 309 -7.48 -2.69 14.84
CA GLY B 309 -8.33 -2.91 13.69
C GLY B 309 -7.53 -3.42 12.51
N HIS B 310 -6.27 -3.74 12.75
CA HIS B 310 -5.35 -4.18 11.73
C HIS B 310 -5.23 -5.70 11.72
N ASP B 311 -4.89 -6.24 10.55
CA ASP B 311 -4.76 -7.68 10.36
C ASP B 311 -3.30 -8.12 10.22
N ASN B 312 -2.35 -7.24 10.47
CA ASN B 312 -0.93 -7.57 10.38
C ASN B 312 -0.17 -6.55 11.21
N ARG B 313 1.14 -6.72 11.32
CA ARG B 313 1.94 -5.98 12.30
C ARG B 313 1.83 -4.47 12.07
N VAL B 314 1.58 -3.74 13.15
CA VAL B 314 1.62 -2.28 13.12
C VAL B 314 3.06 -1.83 13.13
N SER B 315 3.44 -1.00 12.16
CA SER B 315 4.83 -0.61 11.97
C SER B 315 5.11 0.86 12.25
N CYS B 316 4.09 1.71 12.30
CA CYS B 316 4.30 3.12 12.55
C CYS B 316 3.00 3.74 13.01
N LEU B 317 3.13 4.79 13.81
CA LEU B 317 1.98 5.54 14.32
C LEU B 317 2.49 6.90 14.79
N GLY B 318 1.55 7.80 15.06
CA GLY B 318 1.87 9.14 15.50
C GLY B 318 0.65 10.04 15.56
N VAL B 319 0.57 10.87 16.60
CA VAL B 319 -0.58 11.73 16.81
C VAL B 319 -0.46 12.94 15.90
N THR B 320 -1.57 13.65 15.66
CA THR B 320 -1.54 14.87 14.89
C THR B 320 -0.84 15.98 15.69
N ASP B 321 -0.61 17.11 15.03
CA ASP B 321 0.06 18.23 15.69
C ASP B 321 -0.81 18.80 16.81
N ASP B 322 -2.07 19.08 16.51
CA ASP B 322 -2.98 19.58 17.54
C ASP B 322 -3.41 18.47 18.49
N GLY B 323 -3.53 17.25 17.99
CA GLY B 323 -3.95 16.13 18.80
C GLY B 323 -5.34 15.65 18.43
N MET B 324 -5.69 15.80 17.16
CA MET B 324 -7.04 15.47 16.70
C MET B 324 -7.20 14.03 16.27
N ALA B 325 -6.11 13.34 15.91
CA ALA B 325 -6.23 11.99 15.36
C ALA B 325 -4.93 11.23 15.57
N VAL B 326 -4.98 9.95 15.24
CA VAL B 326 -3.83 9.05 15.30
C VAL B 326 -3.79 8.27 13.99
N ALA B 327 -2.59 8.16 13.41
CA ALA B 327 -2.42 7.54 12.10
C ALA B 327 -1.54 6.31 12.25
N THR B 328 -2.14 5.13 12.23
CA THR B 328 -1.36 3.90 12.27
C THR B 328 -1.06 3.42 10.86
N GLY B 329 0.17 2.97 10.66
CA GLY B 329 0.53 2.32 9.41
C GLY B 329 1.06 0.93 9.70
N SER B 330 0.31 -0.08 9.32
CA SER B 330 0.66 -1.45 9.64
C SER B 330 1.40 -2.09 8.47
N TRP B 331 1.82 -3.33 8.66
CA TRP B 331 2.50 -4.05 7.59
C TRP B 331 1.57 -4.42 6.45
N ASP B 332 0.26 -4.25 6.61
CA ASP B 332 -0.64 -4.31 5.48
C ASP B 332 -0.58 -2.99 4.71
N SER B 333 -1.36 -2.90 3.64
CA SER B 333 -1.33 -1.74 2.77
C SER B 333 -2.30 -0.63 3.21
N PHE B 334 -2.69 -0.58 4.47
CA PHE B 334 -3.73 0.34 4.93
C PHE B 334 -3.21 1.24 6.03
N LEU B 335 -3.50 2.53 5.93
CA LEU B 335 -3.35 3.45 7.05
C LEU B 335 -4.73 3.75 7.62
N LYS B 336 -4.84 3.69 8.94
CA LYS B 336 -6.11 3.90 9.62
C LYS B 336 -6.02 5.16 10.48
N ILE B 337 -6.91 6.11 10.23
CA ILE B 337 -6.95 7.35 11.00
C ILE B 337 -7.97 7.18 12.12
N TRP B 338 -7.50 7.04 13.35
CA TRP B 338 -8.37 6.95 14.51
C TRP B 338 -8.69 8.34 15.05
N ASN B 339 -9.80 8.43 15.77
CA ASN B 339 -10.20 9.66 16.43
C ASN B 339 -11.30 9.38 17.46
N ALA C 7 38.67 0.10 21.72
CA ALA C 7 40.02 0.46 21.31
C ALA C 7 40.89 0.74 22.54
N SER C 8 41.91 -0.10 22.74
CA SER C 8 42.78 0.05 23.90
C SER C 8 43.61 1.33 23.84
N ILE C 9 43.67 1.99 22.68
CA ILE C 9 44.51 3.18 22.54
C ILE C 9 43.90 4.35 23.29
N ALA C 10 42.68 4.75 22.93
CA ALA C 10 42.04 5.90 23.54
C ALA C 10 40.58 5.68 23.90
N GLN C 11 40.03 4.48 23.66
CA GLN C 11 38.65 4.19 24.03
C GLN C 11 38.44 4.35 25.53
N ALA C 12 39.37 3.85 26.34
CA ALA C 12 39.24 3.98 27.79
C ALA C 12 39.23 5.44 28.24
N ARG C 13 40.14 6.23 27.68
CA ARG C 13 40.20 7.64 28.04
C ARG C 13 38.94 8.39 27.62
N LYS C 14 38.48 8.16 26.39
CA LYS C 14 37.29 8.86 25.93
C LYS C 14 36.06 8.43 26.71
N LEU C 15 35.98 7.14 27.05
CA LEU C 15 34.87 6.66 27.86
C LEU C 15 34.91 7.27 29.26
N VAL C 16 36.08 7.37 29.88
CA VAL C 16 36.13 7.90 31.24
C VAL C 16 35.81 9.39 31.24
N GLU C 17 36.27 10.14 30.24
CA GLU C 17 35.90 11.54 30.18
C GLU C 17 34.41 11.72 29.87
N GLN C 18 33.85 10.84 29.05
CA GLN C 18 32.42 10.88 28.79
C GLN C 18 31.63 10.64 30.07
N LEU C 19 32.06 9.66 30.86
CA LEU C 19 31.40 9.42 32.15
C LEU C 19 31.59 10.58 33.12
N LYS C 20 32.74 11.26 33.08
CA LYS C 20 32.89 12.44 33.91
C LYS C 20 31.90 13.53 33.51
N MET C 21 31.79 13.79 32.21
CA MET C 21 30.81 14.77 31.73
C MET C 21 29.37 14.33 31.97
N GLU C 22 29.11 13.04 32.08
CA GLU C 22 27.78 12.55 32.35
C GLU C 22 27.49 12.39 33.83
N ALA C 23 28.51 12.52 34.69
CA ALA C 23 28.36 12.46 36.13
C ALA C 23 28.36 13.82 36.80
N ASN C 24 29.02 14.81 36.22
CA ASN C 24 29.06 16.12 36.86
C ASN C 24 27.77 16.91 36.70
N ILE C 25 26.79 16.40 35.93
CA ILE C 25 25.55 17.11 35.67
C ILE C 25 24.73 17.20 36.94
N ASP C 26 23.74 18.10 36.95
CA ASP C 26 22.86 18.29 38.08
C ASP C 26 21.60 17.44 37.91
N ARG C 27 21.24 16.69 38.95
CA ARG C 27 20.10 15.79 38.92
C ARG C 27 19.16 16.18 40.06
N ILE C 28 17.99 16.72 39.71
CA ILE C 28 17.03 17.05 40.75
C ILE C 28 16.30 15.78 41.20
N LYS C 29 15.61 15.90 42.34
CA LYS C 29 14.94 14.75 42.92
C LYS C 29 13.73 14.34 42.07
N VAL C 30 13.41 13.06 42.13
CA VAL C 30 12.28 12.54 41.36
C VAL C 30 10.96 13.12 41.88
N SER C 31 10.86 13.38 43.18
CA SER C 31 9.62 13.85 43.78
C SER C 31 9.17 15.16 43.17
N LYS C 32 10.09 15.90 42.56
CA LYS C 32 9.78 17.11 41.82
C LYS C 32 9.90 16.94 40.32
N ALA C 33 10.87 16.14 39.86
CA ALA C 33 11.05 15.88 38.45
C ALA C 33 9.88 15.12 37.84
N ALA C 34 9.03 14.50 38.65
CA ALA C 34 7.79 13.90 38.19
C ALA C 34 6.57 14.74 38.49
N ALA C 35 6.61 15.55 39.54
CA ALA C 35 5.51 16.49 39.78
C ALA C 35 5.45 17.54 38.70
N ASP C 36 6.59 17.92 38.13
CA ASP C 36 6.60 18.86 37.01
C ASP C 36 5.90 18.24 35.80
N LEU C 37 6.15 16.96 35.54
CA LEU C 37 5.45 16.27 34.45
C LEU C 37 3.97 16.13 34.77
N MET C 38 3.63 15.91 36.04
CA MET C 38 2.24 15.86 36.46
C MET C 38 1.53 17.17 36.18
N ALA C 39 2.17 18.30 36.50
CA ALA C 39 1.56 19.60 36.33
C ALA C 39 1.34 19.97 34.87
N TYR C 40 1.91 19.23 33.94
CA TYR C 40 1.77 19.53 32.52
C TYR C 40 0.50 18.88 31.94
N CYS C 41 0.25 17.62 32.29
CA CYS C 41 -0.94 16.93 31.79
C CYS C 41 -2.22 17.58 32.29
N GLU C 42 -2.23 18.08 33.53
CA GLU C 42 -3.41 18.74 34.07
C GLU C 42 -3.56 20.18 33.63
N ALA C 43 -2.50 20.77 33.05
CA ALA C 43 -2.57 22.11 32.49
C ALA C 43 -2.92 22.10 31.01
N HIS C 44 -3.17 20.94 30.42
CA HIS C 44 -3.54 20.81 29.03
C HIS C 44 -4.65 19.79 28.86
N ALA C 45 -5.49 19.64 29.88
CA ALA C 45 -6.59 18.68 29.80
C ALA C 45 -7.59 19.10 28.72
N LYS C 46 -7.96 20.37 28.70
CA LYS C 46 -8.89 20.86 27.69
C LYS C 46 -8.31 20.72 26.29
N GLU C 47 -7.02 21.08 26.14
CA GLU C 47 -6.33 20.96 24.86
C GLU C 47 -5.83 19.53 24.68
N ASP C 48 -6.79 18.61 24.54
CA ASP C 48 -6.51 17.20 24.32
C ASP C 48 -7.75 16.57 23.71
N PRO C 49 -7.93 16.67 22.40
CA PRO C 49 -9.14 16.10 21.79
C PRO C 49 -9.27 14.60 21.99
N LEU C 50 -8.16 13.89 22.13
CA LEU C 50 -8.23 12.44 22.33
C LEU C 50 -8.61 12.09 23.75
N LEU C 51 -8.12 12.86 24.73
CA LEU C 51 -8.33 12.53 26.14
C LEU C 51 -9.81 12.57 26.49
N THR C 52 -10.41 13.75 26.42
CA THR C 52 -11.85 13.85 26.60
C THR C 52 -12.56 13.57 25.28
N PRO C 53 -13.78 13.05 25.30
CA PRO C 53 -14.49 12.83 24.03
C PRO C 53 -14.73 14.14 23.32
N VAL C 54 -14.08 14.30 22.17
CA VAL C 54 -14.23 15.51 21.37
C VAL C 54 -15.67 15.62 20.89
N PRO C 55 -16.30 16.80 20.99
CA PRO C 55 -17.69 16.92 20.53
C PRO C 55 -17.81 16.65 19.04
N ALA C 56 -18.93 16.06 18.64
CA ALA C 56 -19.14 15.70 17.25
C ALA C 56 -19.28 16.90 16.33
N SER C 57 -19.59 18.08 16.88
CA SER C 57 -19.79 19.25 16.03
C SER C 57 -18.49 19.65 15.34
N GLU C 58 -17.39 19.72 16.09
CA GLU C 58 -16.14 20.24 15.55
C GLU C 58 -15.23 19.15 14.99
N ASN C 59 -15.64 17.89 15.03
CA ASN C 59 -14.77 16.81 14.60
C ASN C 59 -14.52 16.89 13.09
N PRO C 60 -13.28 16.99 12.64
CA PRO C 60 -13.03 17.17 11.21
C PRO C 60 -12.86 15.86 10.46
N PHE C 61 -13.20 14.75 11.11
CA PHE C 61 -13.06 13.43 10.49
C PHE C 61 -14.33 12.60 10.49
N ARG C 62 -15.51 13.22 10.66
CA ARG C 62 -16.74 12.46 10.71
C ARG C 62 -17.07 11.78 9.38
N GLU C 63 -17.03 12.54 8.29
CA GLU C 63 -17.46 12.04 6.99
C GLU C 63 -16.29 11.78 6.08
N VAL D 2 7.86 25.36 -18.24
CA VAL D 2 7.98 26.61 -17.51
C VAL D 2 7.47 27.76 -18.36
N GLN D 3 7.40 27.53 -19.67
CA GLN D 3 6.91 28.54 -20.60
C GLN D 3 5.93 27.92 -21.58
N LEU D 4 4.89 28.68 -21.91
CA LEU D 4 3.87 28.28 -22.88
C LEU D 4 3.80 29.32 -23.98
N VAL D 5 3.76 28.87 -25.23
CA VAL D 5 3.62 29.74 -26.39
C VAL D 5 2.46 29.21 -27.23
N GLU D 6 1.35 29.93 -27.22
CA GLU D 6 0.19 29.58 -28.03
C GLU D 6 0.40 30.14 -29.43
N SER D 7 0.35 29.28 -30.43
CA SER D 7 0.59 29.65 -31.82
C SER D 7 -0.60 29.26 -32.68
N GLY D 8 -0.65 29.83 -33.88
CA GLY D 8 -1.70 29.56 -34.83
C GLY D 8 -2.85 30.56 -34.73
N GLY D 9 -3.02 31.38 -35.75
CA GLY D 9 -4.08 32.37 -35.74
C GLY D 9 -3.83 33.44 -36.78
N GLY D 10 -4.83 34.30 -36.94
CA GLY D 10 -4.77 35.34 -37.94
C GLY D 10 -6.14 35.87 -38.33
N LEU D 11 -6.41 35.96 -39.62
CA LEU D 11 -7.66 36.49 -40.14
C LEU D 11 -8.30 35.44 -41.05
N VAL D 12 -9.16 34.61 -40.46
CA VAL D 12 -9.96 33.64 -41.21
C VAL D 12 -11.35 34.23 -41.36
N GLN D 13 -12.03 33.85 -42.46
CA GLN D 13 -13.38 34.32 -42.68
C GLN D 13 -14.31 33.72 -41.63
N PRO D 14 -15.40 34.44 -41.30
CA PRO D 14 -16.32 33.94 -40.26
C PRO D 14 -16.94 32.61 -40.65
N GLY D 15 -17.16 31.77 -39.63
CA GLY D 15 -17.74 30.47 -39.84
C GLY D 15 -16.73 29.45 -40.34
N GLY D 16 -15.45 29.82 -40.30
CA GLY D 16 -14.40 28.94 -40.77
C GLY D 16 -14.01 27.91 -39.74
N SER D 17 -12.76 27.46 -39.80
CA SER D 17 -12.28 26.45 -38.86
C SER D 17 -10.78 26.58 -38.70
N ARG D 18 -10.34 26.57 -37.45
CA ARG D 18 -8.93 26.53 -37.11
C ARG D 18 -8.73 25.60 -35.93
N LYS D 19 -7.48 25.18 -35.75
CA LYS D 19 -7.04 24.43 -34.59
C LYS D 19 -5.82 25.12 -34.00
N LEU D 20 -5.91 25.47 -32.72
CA LEU D 20 -4.83 26.20 -32.07
C LEU D 20 -3.84 25.22 -31.44
N SER D 21 -2.72 25.78 -30.98
CA SER D 21 -1.65 24.96 -30.42
C SER D 21 -0.86 25.79 -29.42
N CYS D 22 -0.34 25.11 -28.39
CA CYS D 22 0.50 25.75 -27.37
C CYS D 22 1.54 24.72 -26.94
N SER D 23 2.75 24.83 -27.50
CA SER D 23 3.80 23.84 -27.29
C SER D 23 4.35 23.99 -25.88
N ALA D 24 3.84 23.16 -24.97
CA ALA D 24 4.36 23.11 -23.61
C ALA D 24 5.77 22.55 -23.60
N SER D 25 6.65 23.18 -22.83
CA SER D 25 8.05 22.75 -22.78
C SER D 25 8.65 23.22 -21.46
N GLY D 26 8.78 22.30 -20.50
CA GLY D 26 9.48 22.61 -19.28
C GLY D 26 8.68 22.43 -18.00
N PHE D 27 7.67 21.57 -18.02
CA PHE D 27 6.89 21.28 -16.81
C PHE D 27 6.14 19.97 -17.05
N ALA D 28 5.41 19.52 -16.03
CA ALA D 28 4.60 18.31 -16.13
C ALA D 28 3.30 18.62 -16.88
N PHE D 29 3.40 18.58 -18.21
CA PHE D 29 2.24 18.84 -19.05
C PHE D 29 1.13 17.82 -18.79
N SER D 30 1.51 16.55 -18.61
CA SER D 30 0.52 15.53 -18.32
C SER D 30 -0.16 15.79 -16.98
N SER D 31 0.61 16.19 -15.97
CA SER D 31 0.08 16.30 -14.62
C SER D 31 -0.64 17.61 -14.35
N PHE D 32 -0.48 18.62 -15.21
CA PHE D 32 -1.12 19.92 -15.01
C PHE D 32 -2.29 20.05 -15.96
N GLY D 33 -3.48 20.31 -15.40
CA GLY D 33 -4.64 20.60 -16.22
C GLY D 33 -4.47 21.90 -16.98
N MET D 34 -5.03 22.01 -18.18
CA MET D 34 -4.84 23.18 -19.00
C MET D 34 -6.17 23.78 -19.44
N HIS D 35 -6.20 25.10 -19.51
CA HIS D 35 -7.41 25.84 -19.90
C HIS D 35 -7.16 26.67 -21.15
N TRP D 36 -8.15 27.47 -21.54
CA TRP D 36 -7.98 28.44 -22.62
C TRP D 36 -8.76 29.68 -22.21
N VAL D 37 -8.11 30.83 -22.19
CA VAL D 37 -8.74 32.11 -21.87
C VAL D 37 -8.42 33.09 -22.99
N ARG D 38 -9.44 33.79 -23.46
CA ARG D 38 -9.28 34.73 -24.55
C ARG D 38 -9.49 36.15 -24.05
N GLN D 39 -9.10 37.12 -24.86
CA GLN D 39 -9.31 38.52 -24.53
C GLN D 39 -9.75 39.28 -25.77
N ALA D 40 -10.87 39.98 -25.65
CA ALA D 40 -11.39 40.82 -26.72
C ALA D 40 -10.47 42.03 -26.87
N PRO D 41 -10.67 42.85 -27.92
CA PRO D 41 -9.80 44.02 -28.09
C PRO D 41 -9.72 44.93 -26.88
N GLU D 42 -10.83 45.19 -26.19
CA GLU D 42 -10.78 46.03 -25.01
C GLU D 42 -11.72 45.54 -23.90
N LYS D 43 -12.25 44.34 -24.00
CA LYS D 43 -13.19 43.82 -23.01
C LYS D 43 -12.44 42.95 -22.01
N GLY D 44 -13.19 42.24 -21.17
CA GLY D 44 -12.60 41.41 -20.16
C GLY D 44 -12.28 40.00 -20.65
N LEU D 45 -11.65 39.23 -19.76
CA LEU D 45 -11.25 37.88 -20.12
C LEU D 45 -12.44 36.93 -20.10
N GLU D 46 -12.44 35.98 -21.05
CA GLU D 46 -13.55 35.06 -21.25
C GLU D 46 -13.03 33.64 -21.13
N TRP D 47 -13.54 32.90 -20.15
CA TRP D 47 -13.21 31.49 -20.03
C TRP D 47 -13.74 30.73 -21.24
N VAL D 48 -12.98 29.74 -21.70
CA VAL D 48 -13.34 29.05 -22.92
C VAL D 48 -13.52 27.55 -22.69
N ALA D 49 -12.47 26.86 -22.25
CA ALA D 49 -12.51 25.40 -22.21
C ALA D 49 -11.74 24.92 -20.99
N TYR D 50 -11.58 23.59 -20.90
CA TYR D 50 -10.91 22.92 -19.79
C TYR D 50 -10.58 21.50 -20.21
N ILE D 51 -9.33 21.10 -19.94
CA ILE D 51 -8.90 19.70 -20.03
C ILE D 51 -8.19 19.35 -18.73
N SER D 52 -8.56 18.21 -18.17
CA SER D 52 -7.94 17.68 -16.96
C SER D 52 -6.80 16.75 -17.34
N SER D 53 -6.13 16.22 -16.33
CA SER D 53 -5.02 15.30 -16.53
C SER D 53 -5.56 14.00 -17.11
N GLY D 54 -5.15 13.67 -18.33
CA GLY D 54 -5.64 12.49 -19.01
C GLY D 54 -6.97 12.66 -19.71
N SER D 55 -7.43 13.89 -19.90
CA SER D 55 -8.69 14.20 -20.56
C SER D 55 -9.88 13.49 -19.92
N GLY D 56 -9.86 13.36 -18.60
CA GLY D 56 -10.95 12.70 -17.90
C GLY D 56 -12.19 13.55 -17.73
N THR D 57 -12.06 14.88 -17.75
CA THR D 57 -13.21 15.76 -17.59
C THR D 57 -12.99 17.01 -18.41
N ILE D 58 -13.96 17.36 -19.25
CA ILE D 58 -13.87 18.48 -20.17
C ILE D 58 -15.06 19.38 -19.96
N TYR D 59 -14.81 20.68 -19.87
CA TYR D 59 -15.86 21.67 -19.71
C TYR D 59 -15.69 22.76 -20.77
N TYR D 60 -16.80 23.37 -21.15
CA TYR D 60 -16.81 24.41 -22.17
C TYR D 60 -17.61 25.59 -21.67
N ALA D 61 -17.37 26.75 -22.30
CA ALA D 61 -18.14 27.95 -22.00
C ALA D 61 -19.52 27.82 -22.64
N ASP D 62 -20.42 28.75 -22.31
CA ASP D 62 -21.76 28.71 -22.86
C ASP D 62 -21.77 28.99 -24.36
N THR D 63 -20.95 29.94 -24.80
CA THR D 63 -20.93 30.36 -26.20
C THR D 63 -20.11 29.44 -27.10
N VAL D 64 -19.46 28.43 -26.54
CA VAL D 64 -18.65 27.51 -27.32
C VAL D 64 -19.08 26.06 -27.19
N LYS D 65 -20.08 25.75 -26.37
CA LYS D 65 -20.50 24.36 -26.18
C LYS D 65 -21.00 23.78 -27.48
N GLY D 66 -20.32 22.74 -27.95
CA GLY D 66 -20.66 22.11 -29.21
C GLY D 66 -20.01 22.73 -30.42
N ARG D 67 -19.46 23.92 -30.31
CA ARG D 67 -18.74 24.56 -31.40
C ARG D 67 -17.24 24.29 -31.33
N PHE D 68 -16.63 24.64 -30.21
CA PHE D 68 -15.21 24.41 -30.02
C PHE D 68 -14.98 23.02 -29.43
N THR D 69 -13.80 22.46 -29.71
CA THR D 69 -13.40 21.20 -29.12
C THR D 69 -11.92 21.28 -28.76
N ILE D 70 -11.59 20.78 -27.59
CA ILE D 70 -10.24 20.93 -27.02
C ILE D 70 -9.73 19.56 -26.60
N SER D 71 -8.46 19.32 -26.89
CA SER D 71 -7.84 18.04 -26.52
C SER D 71 -6.37 18.28 -26.24
N ARG D 72 -5.77 17.34 -25.53
CA ARG D 72 -4.35 17.36 -25.23
C ARG D 72 -3.64 16.28 -26.03
N ASP D 73 -2.43 16.61 -26.49
CA ASP D 73 -1.54 15.64 -27.15
C ASP D 73 -0.36 15.47 -26.21
N ASP D 74 -0.50 14.53 -25.26
CA ASP D 74 0.51 14.38 -24.21
C ASP D 74 1.90 14.06 -24.74
N PRO D 75 2.09 13.08 -25.63
CA PRO D 75 3.45 12.81 -26.13
C PRO D 75 4.05 14.00 -26.87
N LYS D 76 3.22 14.72 -27.63
CA LYS D 76 3.73 15.80 -28.46
C LYS D 76 3.88 17.11 -27.71
N ASN D 77 3.48 17.18 -26.44
CA ASN D 77 3.58 18.35 -25.58
C ASN D 77 2.76 19.53 -26.09
N THR D 78 1.82 19.32 -26.99
CA THR D 78 0.97 20.38 -27.51
C THR D 78 -0.46 20.18 -27.03
N LEU D 79 -1.24 21.26 -27.08
CA LEU D 79 -2.65 21.20 -26.73
C LEU D 79 -3.45 21.92 -27.80
N PHE D 80 -4.57 21.33 -28.20
CA PHE D 80 -5.31 21.75 -29.37
C PHE D 80 -6.70 22.24 -28.98
N LEU D 81 -7.13 23.32 -29.63
CA LEU D 81 -8.48 23.87 -29.48
C LEU D 81 -9.04 24.08 -30.88
N GLN D 82 -9.67 23.06 -31.43
CA GLN D 82 -10.25 23.14 -32.77
C GLN D 82 -11.53 23.95 -32.73
N MET D 83 -11.75 24.75 -33.77
CA MET D 83 -12.86 25.70 -33.82
C MET D 83 -13.77 25.43 -35.00
N THR D 84 -15.07 25.46 -34.74
CA THR D 84 -16.09 25.26 -35.78
C THR D 84 -17.09 26.40 -35.71
N SER D 85 -17.36 27.03 -36.86
CA SER D 85 -18.37 28.07 -37.01
C SER D 85 -18.09 29.25 -36.07
N LEU D 86 -16.97 29.92 -36.33
CA LEU D 86 -16.63 31.14 -35.63
C LEU D 86 -17.55 32.26 -36.08
N ARG D 87 -18.25 32.88 -35.13
CA ARG D 87 -19.07 34.03 -35.44
C ARG D 87 -18.17 35.26 -35.62
N SER D 88 -18.80 36.42 -35.77
CA SER D 88 -18.11 37.70 -35.79
C SER D 88 -17.93 38.26 -34.38
N GLU D 89 -18.34 37.52 -33.35
CA GLU D 89 -18.22 37.94 -31.97
C GLU D 89 -17.25 37.05 -31.18
N ASP D 90 -16.35 36.37 -31.86
CA ASP D 90 -15.33 35.55 -31.19
C ASP D 90 -13.93 35.94 -31.66
N THR D 91 -13.74 37.22 -31.95
CA THR D 91 -12.42 37.73 -32.27
C THR D 91 -11.68 38.04 -30.97
N ALA D 92 -10.57 37.35 -30.74
CA ALA D 92 -9.83 37.54 -29.50
C ALA D 92 -8.42 37.00 -29.66
N MET D 93 -7.53 37.48 -28.80
CA MET D 93 -6.18 36.97 -28.70
C MET D 93 -6.07 36.09 -27.46
N TYR D 94 -5.80 34.81 -27.68
CA TYR D 94 -6.07 33.77 -26.71
C TYR D 94 -4.86 33.51 -25.82
N TYR D 95 -5.12 32.92 -24.66
CA TYR D 95 -4.10 32.60 -23.67
C TYR D 95 -4.19 31.11 -23.35
N CYS D 96 -3.04 30.42 -23.38
CA CYS D 96 -2.97 29.01 -23.03
C CYS D 96 -2.60 28.87 -21.54
N VAL D 97 -3.62 28.54 -20.76
CA VAL D 97 -3.46 28.50 -19.30
C VAL D 97 -3.09 27.11 -18.83
N ARG D 98 -2.13 27.05 -17.91
CA ARG D 98 -1.82 25.85 -17.15
C ARG D 98 -2.47 25.93 -15.78
N SER D 99 -2.75 24.77 -15.18
CA SER D 99 -3.40 24.74 -13.86
C SER D 99 -3.11 23.40 -13.21
N ILE D 100 -3.33 23.34 -11.90
CA ILE D 100 -3.11 22.14 -11.12
C ILE D 100 -4.09 22.15 -9.95
N TYR D 101 -4.54 20.97 -9.53
CA TYR D 101 -5.58 20.84 -8.52
C TYR D 101 -5.21 19.79 -7.50
N TYR D 102 -4.72 20.22 -6.35
CA TYR D 102 -4.63 19.40 -5.15
C TYR D 102 -4.62 20.35 -3.96
N TYR D 103 -4.63 19.77 -2.76
CA TYR D 103 -4.71 20.58 -1.55
C TYR D 103 -3.48 21.48 -1.43
N GLY D 104 -3.69 22.78 -1.52
CA GLY D 104 -2.59 23.72 -1.49
C GLY D 104 -1.98 24.04 -2.84
N SER D 105 -2.65 23.69 -3.93
CA SER D 105 -2.14 23.98 -5.26
C SER D 105 -2.39 25.46 -5.58
N SER D 106 -2.04 25.87 -6.79
CA SER D 106 -2.21 27.26 -7.21
C SER D 106 -2.52 27.26 -8.70
N PRO D 107 -3.78 27.12 -9.07
CA PRO D 107 -4.14 27.09 -10.50
C PRO D 107 -3.91 28.44 -11.15
N PHE D 108 -3.81 28.39 -12.49
CA PHE D 108 -3.64 29.58 -13.31
C PHE D 108 -2.36 30.34 -12.95
N ASP D 109 -1.33 29.60 -12.55
CA ASP D 109 -0.10 30.25 -12.07
C ASP D 109 0.66 30.91 -13.20
N PHE D 110 0.84 30.21 -14.33
CA PHE D 110 1.56 30.76 -15.47
C PHE D 110 0.65 30.78 -16.69
N TRP D 111 0.69 31.89 -17.41
CA TRP D 111 -0.21 32.11 -18.54
C TRP D 111 0.66 32.37 -19.77
N GLY D 112 0.36 31.68 -20.86
CA GLY D 112 1.16 31.83 -22.06
C GLY D 112 1.06 33.21 -22.66
N GLN D 113 2.06 33.60 -23.46
CA GLN D 113 1.97 34.87 -24.17
C GLN D 113 0.81 34.86 -25.16
N GLY D 114 0.62 33.76 -25.88
CA GLY D 114 -0.55 33.59 -26.71
C GLY D 114 -0.49 34.24 -28.08
N THR D 115 -1.36 33.78 -28.98
CA THR D 115 -1.47 34.30 -30.34
C THR D 115 -2.84 34.93 -30.55
N THR D 116 -2.96 35.70 -31.62
CA THR D 116 -4.19 36.43 -31.89
C THR D 116 -5.08 35.62 -32.83
N LEU D 117 -6.33 36.04 -32.96
CA LEU D 117 -7.27 35.44 -33.90
C LEU D 117 -8.31 36.48 -34.26
N THR D 118 -8.46 36.72 -35.56
CA THR D 118 -9.40 37.72 -36.05
C THR D 118 -10.29 37.10 -37.12
N VAL D 119 -11.57 37.45 -37.09
CA VAL D 119 -12.53 37.01 -38.09
C VAL D 119 -13.33 38.22 -38.54
N SER D 120 -13.44 38.40 -39.85
CA SER D 120 -14.10 39.58 -40.40
C SER D 120 -15.62 39.46 -40.26
N SER D 121 -16.31 40.49 -40.73
CA SER D 121 -17.77 40.53 -40.65
C SER D 121 -18.38 40.45 -42.05
N SER D 136 -28.02 31.16 -14.88
CA SER D 136 -27.44 30.80 -13.59
C SER D 136 -25.93 30.98 -13.61
N ASP D 137 -25.49 32.23 -13.77
CA ASP D 137 -24.07 32.55 -13.83
C ASP D 137 -23.65 33.29 -12.57
N ILE D 138 -22.46 32.97 -12.07
CA ILE D 138 -21.92 33.62 -10.88
C ILE D 138 -21.43 35.00 -11.26
N VAL D 139 -22.23 36.02 -11.00
CA VAL D 139 -21.93 37.38 -11.46
C VAL D 139 -20.76 37.94 -10.68
N MET D 140 -19.91 38.72 -11.34
CA MET D 140 -18.79 39.39 -10.69
C MET D 140 -18.70 40.81 -11.24
N THR D 141 -19.06 41.79 -10.43
CA THR D 141 -19.10 43.19 -10.85
C THR D 141 -17.98 43.94 -10.13
N GLN D 142 -16.99 44.40 -10.90
CA GLN D 142 -15.88 45.17 -10.35
C GLN D 142 -16.20 46.65 -10.56
N ALA D 143 -16.82 47.27 -9.56
CA ALA D 143 -17.38 48.60 -9.74
C ALA D 143 -16.30 49.63 -10.05
N THR D 144 -15.11 49.48 -9.48
CA THR D 144 -14.03 50.39 -9.77
C THR D 144 -13.62 50.27 -11.24
N SER D 145 -13.25 51.41 -11.83
CA SER D 145 -12.82 51.44 -13.22
C SER D 145 -11.96 52.67 -13.48
N SER D 146 -10.69 52.46 -13.82
CA SER D 146 -9.73 53.53 -14.06
C SER D 146 -9.65 54.47 -12.84
N VAL D 147 -9.31 53.86 -11.72
CA VAL D 147 -9.19 54.59 -10.46
C VAL D 147 -7.81 55.22 -10.36
N PRO D 148 -7.73 56.54 -10.13
CA PRO D 148 -6.42 57.17 -9.98
C PRO D 148 -5.73 56.74 -8.69
N VAL D 149 -4.41 56.77 -8.72
CA VAL D 149 -3.60 56.33 -7.58
C VAL D 149 -2.24 56.99 -7.67
N THR D 150 -1.71 57.39 -6.51
CA THR D 150 -0.38 57.97 -6.45
C THR D 150 0.64 56.91 -6.06
N PRO D 151 1.82 56.91 -6.69
CA PRO D 151 2.81 55.86 -6.41
C PRO D 151 3.36 55.95 -4.99
N GLY D 152 3.01 54.96 -4.17
CA GLY D 152 3.43 54.94 -2.78
C GLY D 152 2.28 54.79 -1.81
N GLU D 153 1.16 55.43 -2.12
CA GLU D 153 -0.02 55.35 -1.27
C GLU D 153 -0.67 53.98 -1.38
N SER D 154 -1.42 53.61 -0.34
CA SER D 154 -2.09 52.33 -0.30
C SER D 154 -3.54 52.46 -0.74
N VAL D 155 -3.93 51.62 -1.70
CA VAL D 155 -5.30 51.57 -2.22
C VAL D 155 -5.76 50.13 -2.21
N SER D 156 -7.03 49.93 -2.56
CA SER D 156 -7.61 48.59 -2.54
C SER D 156 -8.59 48.46 -3.69
N ILE D 157 -8.56 47.31 -4.37
CA ILE D 157 -9.46 47.02 -5.48
C ILE D 157 -10.69 46.32 -4.94
N SER D 158 -11.87 46.88 -5.21
CA SER D 158 -13.11 46.28 -4.74
C SER D 158 -13.48 45.08 -5.60
N CYS D 159 -14.42 44.28 -5.09
CA CYS D 159 -14.95 43.13 -5.82
C CYS D 159 -16.36 42.85 -5.32
N ARG D 160 -17.10 42.08 -6.11
CA ARG D 160 -18.48 41.76 -5.77
C ARG D 160 -18.83 40.40 -6.36
N SER D 161 -19.90 39.82 -5.85
CA SER D 161 -20.40 38.53 -6.31
C SER D 161 -21.85 38.38 -5.83
N SER D 162 -22.47 37.28 -6.21
CA SER D 162 -23.83 37.00 -5.77
C SER D 162 -23.94 35.69 -5.02
N LYS D 163 -23.32 34.62 -5.50
CA LYS D 163 -23.32 33.35 -4.80
C LYS D 163 -22.17 33.34 -3.80
N SER D 164 -22.49 32.98 -2.55
CA SER D 164 -21.48 32.96 -1.49
C SER D 164 -20.39 31.96 -1.82
N LEU D 165 -19.17 32.46 -2.01
CA LEU D 165 -18.04 31.60 -2.35
C LEU D 165 -17.45 30.89 -1.14
N LEU D 166 -17.92 31.19 0.06
CA LEU D 166 -17.44 30.53 1.28
C LEU D 166 -18.09 29.14 1.32
N HIS D 167 -17.43 28.19 0.69
CA HIS D 167 -17.96 26.84 0.63
C HIS D 167 -17.87 26.18 2.01
N SER D 168 -18.61 25.07 2.15
CA SER D 168 -18.63 24.37 3.43
C SER D 168 -17.27 23.76 3.75
N ASN D 169 -16.39 23.66 2.76
CA ASN D 169 -15.05 23.10 2.96
C ASN D 169 -14.02 24.18 3.30
N GLY D 170 -14.47 25.27 3.93
CA GLY D 170 -13.56 26.27 4.44
C GLY D 170 -13.09 27.30 3.44
N ASN D 171 -12.24 26.88 2.51
CA ASN D 171 -11.62 27.82 1.59
C ASN D 171 -12.66 28.41 0.64
N THR D 172 -12.47 29.69 0.30
CA THR D 172 -13.34 30.40 -0.63
C THR D 172 -12.57 30.54 -1.95
N TYR D 173 -13.11 29.94 -3.01
CA TYR D 173 -12.43 29.91 -4.29
C TYR D 173 -12.66 31.22 -5.02
N LEU D 174 -11.64 32.07 -5.09
CA LEU D 174 -11.72 33.29 -5.88
C LEU D 174 -10.30 33.84 -6.05
N TYR D 175 -9.96 34.28 -7.25
CA TYR D 175 -8.58 34.56 -7.64
C TYR D 175 -8.40 36.03 -7.99
N TRP D 176 -7.15 36.40 -8.30
CA TRP D 176 -6.80 37.78 -8.62
C TRP D 176 -5.67 37.73 -9.65
N PHE D 177 -5.93 38.31 -10.83
CA PHE D 177 -4.97 38.26 -11.95
C PHE D 177 -4.61 39.67 -12.38
N LEU D 178 -3.43 40.12 -11.96
CA LEU D 178 -2.90 41.38 -12.47
C LEU D 178 -2.52 41.22 -13.93
N GLN D 179 -2.58 42.32 -14.68
CA GLN D 179 -2.14 42.34 -16.07
C GLN D 179 -1.43 43.66 -16.35
N ARG D 180 -0.11 43.61 -16.54
CA ARG D 180 0.59 44.76 -17.09
C ARG D 180 0.23 44.95 -18.56
N PRO D 181 0.29 46.18 -19.06
CA PRO D 181 -0.04 46.41 -20.47
C PRO D 181 0.90 45.69 -21.41
N GLY D 182 0.31 45.13 -22.46
CA GLY D 182 1.09 44.39 -23.45
C GLY D 182 1.82 43.21 -22.85
N GLN D 183 1.20 42.55 -21.87
CA GLN D 183 1.83 41.43 -21.21
C GLN D 183 0.75 40.43 -20.83
N SER D 184 1.12 39.16 -20.78
CA SER D 184 0.20 38.13 -20.34
C SER D 184 -0.11 38.30 -18.85
N PRO D 185 -1.34 38.01 -18.44
CA PRO D 185 -1.68 38.13 -17.02
C PRO D 185 -1.03 37.05 -16.19
N GLN D 186 -0.86 37.36 -14.90
CA GLN D 186 -0.15 36.48 -13.98
C GLN D 186 -0.98 36.29 -12.72
N LEU D 187 -0.83 35.12 -12.10
CA LEU D 187 -1.51 34.86 -10.85
C LEU D 187 -0.90 35.67 -9.72
N LEU D 188 -1.77 36.21 -8.86
CA LEU D 188 -1.35 36.93 -7.66
C LEU D 188 -1.80 36.25 -6.38
N ILE D 189 -3.08 35.91 -6.29
CA ILE D 189 -3.65 35.40 -5.05
C ILE D 189 -4.43 34.15 -5.45
N TYR D 190 -3.83 32.97 -5.27
CA TYR D 190 -4.41 31.75 -5.82
C TYR D 190 -5.63 31.26 -5.05
N ARG D 191 -6.05 31.96 -4.01
CA ARG D 191 -7.31 31.73 -3.33
C ARG D 191 -7.75 33.08 -2.79
N MET D 192 -8.62 33.11 -1.80
CA MET D 192 -8.83 34.36 -1.09
C MET D 192 -7.91 34.42 0.12
N SER D 193 -7.16 35.52 0.24
CA SER D 193 -6.18 35.73 1.32
C SER D 193 -5.10 34.65 1.31
N ASN D 194 -4.37 34.63 0.20
CA ASN D 194 -3.16 33.83 0.05
C ASN D 194 -2.16 34.67 -0.74
N LEU D 195 -1.13 34.03 -1.27
CA LEU D 195 -0.10 34.75 -2.02
C LEU D 195 0.56 33.78 -2.98
N ALA D 196 0.53 34.11 -4.27
CA ALA D 196 1.18 33.26 -5.27
C ALA D 196 2.70 33.38 -5.18
N SER D 197 3.39 32.34 -5.64
CA SER D 197 4.84 32.34 -5.61
C SER D 197 5.38 33.42 -6.53
N GLY D 198 6.40 34.12 -6.06
CA GLY D 198 6.99 35.21 -6.82
C GLY D 198 6.14 36.47 -6.86
N VAL D 199 5.20 36.61 -5.94
CA VAL D 199 4.35 37.80 -5.84
C VAL D 199 4.66 38.46 -4.51
N PRO D 200 4.98 39.76 -4.49
CA PRO D 200 5.45 40.37 -3.24
C PRO D 200 4.38 40.38 -2.15
N ASP D 201 4.86 40.44 -0.91
CA ASP D 201 3.97 40.48 0.25
C ASP D 201 3.18 41.78 0.33
N ARG D 202 3.52 42.78 -0.48
CA ARG D 202 2.77 44.02 -0.52
C ARG D 202 1.30 43.77 -0.82
N PHE D 203 1.00 42.80 -1.68
CA PHE D 203 -0.38 42.43 -1.97
C PHE D 203 -0.91 41.50 -0.89
N SER D 204 -2.17 41.69 -0.52
CA SER D 204 -2.78 40.89 0.55
C SER D 204 -4.29 40.89 0.34
N GLY D 205 -4.84 39.74 -0.04
CA GLY D 205 -6.27 39.58 -0.13
C GLY D 205 -6.93 39.78 1.22
N SER D 206 -7.98 40.60 1.27
CA SER D 206 -8.67 40.88 2.53
C SER D 206 -10.16 41.02 2.22
N GLY D 207 -10.93 39.97 2.49
CA GLY D 207 -12.35 39.98 2.22
C GLY D 207 -13.12 39.20 3.27
N SER D 208 -14.44 39.25 3.14
CA SER D 208 -15.32 38.56 4.08
C SER D 208 -16.64 38.25 3.36
N GLY D 209 -16.85 36.98 3.04
CA GLY D 209 -18.12 36.53 2.52
C GLY D 209 -18.31 36.71 1.02
N THR D 210 -19.12 37.68 0.63
CA THR D 210 -19.44 37.95 -0.77
C THR D 210 -19.20 39.44 -1.06
N ALA D 211 -18.03 39.92 -0.64
CA ALA D 211 -17.52 41.24 -0.96
C ALA D 211 -16.06 41.27 -0.56
N PHE D 212 -15.17 41.35 -1.55
CA PHE D 212 -13.75 41.13 -1.29
C PHE D 212 -12.95 42.31 -1.83
N THR D 213 -11.78 42.50 -1.23
CA THR D 213 -10.88 43.59 -1.59
C THR D 213 -9.47 43.06 -1.73
N LEU D 214 -8.65 43.77 -2.51
CA LEU D 214 -7.25 43.40 -2.77
C LEU D 214 -6.38 44.58 -2.37
N THR D 215 -5.80 44.50 -1.18
CA THR D 215 -5.00 45.60 -0.65
C THR D 215 -3.62 45.63 -1.30
N ILE D 216 -3.13 46.82 -1.62
CA ILE D 216 -1.77 47.03 -2.09
C ILE D 216 -1.09 47.95 -1.08
N SER D 217 0.00 47.46 -0.47
CA SER D 217 0.67 48.24 0.57
C SER D 217 1.28 49.51 0.02
N ARG D 218 2.07 49.38 -1.05
CA ARG D 218 2.67 50.56 -1.69
C ARG D 218 3.01 50.16 -3.13
N LEU D 219 2.19 50.62 -4.08
CA LEU D 219 2.39 50.24 -5.46
C LEU D 219 3.65 50.87 -6.01
N GLU D 220 4.39 50.11 -6.81
CA GLU D 220 5.58 50.62 -7.46
C GLU D 220 5.22 51.18 -8.83
N ALA D 221 6.24 51.47 -9.64
CA ALA D 221 6.03 51.93 -10.99
C ALA D 221 5.77 50.79 -11.96
N GLU D 222 5.67 49.55 -11.46
CA GLU D 222 5.50 48.38 -12.30
C GLU D 222 4.21 47.62 -12.03
N ASP D 223 3.66 47.69 -10.83
CA ASP D 223 2.43 46.98 -10.50
C ASP D 223 1.21 47.86 -10.80
N VAL D 224 1.07 48.18 -12.09
CA VAL D 224 -0.09 48.91 -12.59
C VAL D 224 -0.70 48.10 -13.73
N GLY D 225 -1.98 48.34 -13.97
CA GLY D 225 -2.75 47.59 -14.94
C GLY D 225 -4.10 47.21 -14.36
N VAL D 226 -4.70 46.20 -14.98
CA VAL D 226 -6.05 45.78 -14.62
C VAL D 226 -5.95 44.52 -13.76
N TYR D 227 -6.81 44.43 -12.75
CA TYR D 227 -6.76 43.34 -11.75
C TYR D 227 -8.03 42.53 -11.88
N TYR D 228 -8.00 41.52 -12.75
CA TYR D 228 -9.15 40.69 -13.04
C TYR D 228 -9.35 39.67 -11.92
N CYS D 229 -10.51 39.73 -11.28
CA CYS D 229 -10.81 38.84 -10.16
C CYS D 229 -11.79 37.75 -10.61
N MET D 230 -11.38 36.50 -10.49
CA MET D 230 -12.08 35.37 -11.10
C MET D 230 -12.42 34.31 -10.07
N GLN D 231 -13.66 33.83 -10.11
CA GLN D 231 -14.12 32.81 -9.18
C GLN D 231 -14.02 31.42 -9.80
N HIS D 232 -13.74 30.43 -8.94
CA HIS D 232 -13.55 29.06 -9.38
C HIS D 232 -14.47 28.08 -8.66
N LEU D 233 -15.53 28.57 -8.01
CA LEU D 233 -16.41 27.68 -7.25
C LEU D 233 -17.17 26.73 -8.17
N GLU D 234 -17.66 27.25 -9.30
CA GLU D 234 -18.47 26.44 -10.21
C GLU D 234 -18.25 26.95 -11.63
N TYR D 235 -18.24 26.03 -12.59
CA TYR D 235 -18.03 26.40 -13.98
C TYR D 235 -19.26 27.16 -14.48
N PRO D 236 -19.12 27.98 -15.53
CA PRO D 236 -17.96 28.16 -16.41
C PRO D 236 -16.97 29.25 -16.01
N LEU D 237 -16.63 29.36 -14.73
CA LEU D 237 -15.55 30.21 -14.25
C LEU D 237 -15.68 31.65 -14.75
N THR D 238 -16.75 32.30 -14.30
CA THR D 238 -17.01 33.67 -14.71
C THR D 238 -15.91 34.58 -14.20
N PHE D 239 -15.39 35.41 -15.10
CA PHE D 239 -14.34 36.37 -14.74
C PHE D 239 -14.98 37.66 -14.23
N GLY D 240 -14.16 38.69 -14.05
CA GLY D 240 -14.64 39.98 -13.62
C GLY D 240 -14.38 41.05 -14.66
N ALA D 241 -14.96 42.23 -14.50
CA ALA D 241 -14.76 43.30 -15.46
C ALA D 241 -13.40 43.96 -15.33
N GLY D 242 -12.71 43.78 -14.21
CA GLY D 242 -11.39 44.36 -14.00
C GLY D 242 -11.44 45.81 -13.57
N THR D 243 -10.30 46.28 -13.06
CA THR D 243 -10.17 47.66 -12.56
C THR D 243 -8.86 48.22 -13.13
N LYS D 244 -8.99 49.19 -14.03
CA LYS D 244 -7.81 49.84 -14.60
C LYS D 244 -7.10 50.65 -13.53
N LEU D 245 -5.77 50.62 -13.57
CA LEU D 245 -4.93 51.42 -12.68
C LEU D 245 -4.18 52.46 -13.50
N GLU D 246 -3.83 53.56 -12.83
CA GLU D 246 -3.24 54.72 -13.50
C GLU D 246 -1.92 55.12 -12.85
N LEU D 247 -1.43 56.31 -13.19
CA LEU D 247 -0.19 56.85 -12.65
C LEU D 247 0.02 56.58 -11.17
N THR E 29 -46.27 -37.91 7.00
CA THR E 29 -46.16 -38.43 8.36
C THR E 29 -45.05 -37.72 9.12
N VAL E 30 -44.90 -38.06 10.40
CA VAL E 30 -43.85 -37.44 11.22
C VAL E 30 -42.47 -37.80 10.70
N GLU E 31 -42.33 -39.02 10.18
CA GLU E 31 -41.06 -39.40 9.55
C GLU E 31 -40.78 -38.54 8.32
N MET E 32 -41.81 -38.28 7.51
CA MET E 32 -41.64 -37.39 6.37
C MET E 32 -41.30 -35.97 6.81
N VAL E 33 -41.88 -35.52 7.92
CA VAL E 33 -41.54 -34.21 8.45
C VAL E 33 -40.07 -34.17 8.86
N PHE E 34 -39.58 -35.23 9.51
CA PHE E 34 -38.18 -35.29 9.89
C PHE E 34 -37.27 -35.32 8.66
N ILE E 35 -37.67 -36.04 7.63
CA ILE E 35 -36.89 -36.09 6.38
C ILE E 35 -36.82 -34.71 5.76
N ALA E 36 -37.96 -34.01 5.70
CA ALA E 36 -37.97 -32.65 5.19
C ALA E 36 -37.11 -31.72 6.04
N THR E 37 -37.10 -31.92 7.36
CA THR E 37 -36.29 -31.10 8.24
C THR E 37 -34.81 -31.29 7.98
N VAL E 38 -34.38 -32.55 7.82
CA VAL E 38 -32.95 -32.79 7.58
C VAL E 38 -32.56 -32.30 6.18
N THR E 39 -33.45 -32.44 5.20
CA THR E 39 -33.17 -31.89 3.88
C THR E 39 -33.06 -30.36 3.92
N GLY E 40 -33.94 -29.71 4.68
CA GLY E 40 -33.84 -28.27 4.86
C GLY E 40 -32.57 -27.86 5.58
N SER E 41 -32.12 -28.65 6.56
CA SER E 41 -30.85 -28.38 7.22
C SER E 41 -29.69 -28.50 6.25
N LEU E 42 -29.71 -29.51 5.39
CA LEU E 42 -28.67 -29.65 4.38
C LEU E 42 -28.66 -28.45 3.44
N SER E 43 -29.85 -28.02 2.99
CA SER E 43 -29.91 -26.85 2.13
C SER E 43 -29.43 -25.59 2.85
N LEU E 44 -29.74 -25.47 4.13
CA LEU E 44 -29.31 -24.31 4.90
C LEU E 44 -27.80 -24.27 5.06
N VAL E 45 -27.18 -25.41 5.38
CA VAL E 45 -25.73 -25.42 5.49
C VAL E 45 -25.11 -25.16 4.13
N THR E 46 -25.73 -25.66 3.06
CA THR E 46 -25.24 -25.36 1.71
C THR E 46 -25.25 -23.86 1.45
N VAL E 47 -26.37 -23.20 1.72
CA VAL E 47 -26.50 -21.78 1.38
C VAL E 47 -25.58 -20.93 2.25
N VAL E 48 -25.43 -21.29 3.53
CA VAL E 48 -24.56 -20.50 4.40
C VAL E 48 -23.10 -20.68 3.99
N GLY E 49 -22.71 -21.90 3.62
CA GLY E 49 -21.37 -22.11 3.09
C GLY E 49 -21.13 -21.31 1.82
N ASN E 50 -22.13 -21.30 0.93
CA ASN E 50 -21.99 -20.56 -0.32
C ASN E 50 -21.80 -19.08 -0.07
N ILE E 51 -22.59 -18.50 0.84
CA ILE E 51 -22.45 -17.08 1.09
C ILE E 51 -21.14 -16.77 1.81
N LEU E 52 -20.72 -17.63 2.75
CA LEU E 52 -19.49 -17.35 3.49
C LEU E 52 -18.26 -17.49 2.61
N VAL E 53 -18.32 -18.30 1.56
CA VAL E 53 -17.23 -18.30 0.59
C VAL E 53 -17.40 -17.22 -0.48
N MET E 54 -18.62 -16.72 -0.69
CA MET E 54 -18.80 -15.64 -1.66
C MET E 54 -18.26 -14.31 -1.16
N LEU E 55 -18.58 -13.94 0.09
CA LEU E 55 -18.26 -12.56 0.47
C LEU E 55 -16.77 -12.37 0.71
N SER E 56 -16.00 -13.46 0.78
CA SER E 56 -14.59 -13.37 1.14
C SER E 56 -13.79 -12.57 0.12
N ILE E 57 -14.10 -12.72 -1.18
CA ILE E 57 -13.35 -12.01 -2.20
C ILE E 57 -13.49 -10.50 -2.07
N LYS E 58 -14.63 -10.02 -1.55
CA LYS E 58 -14.88 -8.59 -1.43
C LYS E 58 -14.56 -8.03 -0.05
N VAL E 59 -14.65 -8.83 1.01
CA VAL E 59 -14.40 -8.33 2.35
C VAL E 59 -12.97 -8.57 2.83
N ASN E 60 -12.15 -9.24 2.03
CA ASN E 60 -10.76 -9.52 2.38
C ASN E 60 -9.85 -8.75 1.41
N ARG E 61 -8.87 -8.05 1.97
CA ARG E 61 -8.00 -7.23 1.14
C ARG E 61 -7.10 -8.09 0.26
N GLN E 62 -6.45 -9.09 0.83
CA GLN E 62 -5.50 -9.91 0.08
C GLN E 62 -6.20 -10.89 -0.85
N LEU E 63 -7.52 -11.04 -0.75
CA LEU E 63 -8.27 -11.93 -1.62
C LEU E 63 -8.78 -11.24 -2.88
N GLN E 64 -8.40 -9.99 -3.10
CA GLN E 64 -8.81 -9.27 -4.30
C GLN E 64 -7.97 -9.73 -5.49
N THR E 65 -7.98 -11.02 -5.78
CA THR E 65 -7.17 -11.61 -6.83
C THR E 65 -8.04 -12.06 -8.00
N VAL E 66 -7.50 -11.91 -9.21
CA VAL E 66 -8.23 -12.33 -10.40
C VAL E 66 -8.42 -13.83 -10.42
N ASN E 67 -7.53 -14.58 -9.77
CA ASN E 67 -7.64 -16.03 -9.69
C ASN E 67 -8.80 -16.49 -8.83
N ASN E 68 -9.54 -15.57 -8.21
CA ASN E 68 -10.62 -15.92 -7.29
C ASN E 68 -11.97 -15.46 -7.84
N TYR E 69 -11.98 -14.68 -8.92
CA TYR E 69 -13.25 -14.27 -9.52
C TYR E 69 -14.05 -15.48 -10.02
N PHE E 70 -13.35 -16.51 -10.49
CA PHE E 70 -14.04 -17.70 -10.96
C PHE E 70 -14.75 -18.41 -9.81
N LEU E 71 -14.07 -18.53 -8.68
CA LEU E 71 -14.72 -19.11 -7.50
C LEU E 71 -15.84 -18.20 -7.00
N PHE E 72 -15.69 -16.89 -7.18
CA PHE E 72 -16.77 -15.97 -6.84
C PHE E 72 -18.01 -16.25 -7.68
N SER E 73 -17.83 -16.45 -8.98
CA SER E 73 -18.96 -16.79 -9.85
C SER E 73 -19.58 -18.11 -9.45
N LEU E 74 -18.74 -19.11 -9.14
CA LEU E 74 -19.25 -20.40 -8.70
C LEU E 74 -20.07 -20.25 -7.40
N ALA E 75 -19.56 -19.45 -6.46
CA ALA E 75 -20.28 -19.23 -5.21
C ALA E 75 -21.60 -18.53 -5.44
N CYS E 76 -21.64 -17.55 -6.35
CA CYS E 76 -22.91 -16.87 -6.65
C CYS E 76 -23.92 -17.85 -7.25
N ALA E 77 -23.48 -18.67 -8.19
CA ALA E 77 -24.37 -19.66 -8.78
C ALA E 77 -24.87 -20.64 -7.73
N ASP E 78 -23.98 -21.11 -6.86
CA ASP E 78 -24.38 -22.03 -5.80
C ASP E 78 -25.33 -21.36 -4.81
N LEU E 79 -25.17 -20.05 -4.59
CA LEU E 79 -26.11 -19.34 -3.72
C LEU E 79 -27.49 -19.28 -4.35
N ILE E 80 -27.57 -19.03 -5.64
CA ILE E 80 -28.87 -19.06 -6.32
C ILE E 80 -29.50 -20.44 -6.19
N ILE E 81 -28.68 -21.47 -6.40
CA ILE E 81 -29.17 -22.85 -6.27
C ILE E 81 -29.68 -23.09 -4.85
N GLY E 82 -28.90 -22.68 -3.86
CA GLY E 82 -29.32 -22.86 -2.47
C GLY E 82 -30.58 -22.09 -2.14
N ALA E 83 -30.79 -20.94 -2.77
CA ALA E 83 -31.96 -20.14 -2.51
C ALA E 83 -33.22 -20.81 -3.06
N PHE E 84 -33.16 -21.35 -4.28
CA PHE E 84 -34.39 -21.76 -4.94
C PHE E 84 -34.49 -23.26 -5.23
N SER E 85 -33.41 -23.88 -5.69
CA SER E 85 -33.51 -25.16 -6.38
C SER E 85 -34.01 -26.26 -5.45
N MET E 86 -33.28 -26.54 -4.37
CA MET E 86 -33.62 -27.71 -3.56
C MET E 86 -34.96 -27.58 -2.86
N ASN E 87 -35.30 -26.38 -2.35
CA ASN E 87 -36.58 -26.28 -1.67
C ASN E 87 -37.75 -26.33 -2.64
N LEU E 88 -37.66 -25.59 -3.76
CA LEU E 88 -38.73 -25.67 -4.75
C LEU E 88 -38.81 -27.04 -5.38
N TYR E 89 -37.74 -27.84 -5.29
CA TYR E 89 -37.76 -29.20 -5.81
C TYR E 89 -38.27 -30.21 -4.80
N THR E 90 -37.99 -30.02 -3.51
CA THR E 90 -38.62 -30.86 -2.50
C THR E 90 -40.11 -30.61 -2.43
N VAL E 91 -40.56 -29.45 -2.93
CA VAL E 91 -41.99 -29.22 -3.13
C VAL E 91 -42.58 -30.34 -3.98
N TYR E 92 -41.78 -30.84 -4.93
CA TYR E 92 -42.21 -31.91 -5.84
C TYR E 92 -42.45 -33.24 -5.12
N ILE E 93 -41.89 -33.41 -3.93
CA ILE E 93 -41.96 -34.71 -3.26
C ILE E 93 -42.70 -34.55 -1.94
N ILE E 94 -43.69 -33.66 -1.89
CA ILE E 94 -44.54 -33.58 -0.71
C ILE E 94 -45.34 -34.87 -0.55
N LYS E 95 -45.93 -35.36 -1.64
CA LYS E 95 -46.59 -36.66 -1.64
C LYS E 95 -46.35 -37.42 -2.94
N GLY E 96 -45.61 -36.85 -3.88
CA GLY E 96 -45.33 -37.54 -5.13
C GLY E 96 -45.63 -36.74 -6.38
N TYR E 97 -46.68 -35.92 -6.34
CA TYR E 97 -47.13 -35.18 -7.51
C TYR E 97 -46.83 -33.70 -7.35
N TRP E 98 -46.53 -33.07 -8.48
CA TRP E 98 -46.22 -31.64 -8.50
C TRP E 98 -47.50 -30.84 -8.28
N PRO E 99 -47.57 -30.02 -7.23
CA PRO E 99 -48.79 -29.25 -6.99
C PRO E 99 -48.81 -27.92 -7.72
N LEU E 100 -47.65 -27.37 -8.03
CA LEU E 100 -47.56 -26.00 -8.50
C LEU E 100 -47.96 -25.91 -9.97
N GLY E 101 -47.98 -24.69 -10.50
CA GLY E 101 -48.53 -24.43 -11.81
C GLY E 101 -47.60 -24.82 -12.95
N ALA E 102 -48.17 -24.86 -14.14
CA ALA E 102 -47.42 -25.20 -15.34
C ALA E 102 -46.40 -24.12 -15.68
N VAL E 103 -46.80 -22.85 -15.55
CA VAL E 103 -45.86 -21.75 -15.75
C VAL E 103 -44.73 -21.79 -14.72
N VAL E 104 -45.06 -22.11 -13.47
CA VAL E 104 -44.03 -22.22 -12.43
C VAL E 104 -43.06 -23.34 -12.77
N CYS E 105 -43.59 -24.49 -13.19
CA CYS E 105 -42.72 -25.60 -13.59
C CYS E 105 -41.85 -25.24 -14.79
N ASP E 106 -42.39 -24.50 -15.76
CA ASP E 106 -41.58 -24.07 -16.89
C ASP E 106 -40.47 -23.12 -16.47
N LEU E 107 -40.79 -22.18 -15.56
CA LEU E 107 -39.77 -21.26 -15.09
C LEU E 107 -38.66 -22.00 -14.36
N TRP E 108 -39.02 -22.92 -13.46
CA TRP E 108 -38.02 -23.73 -12.79
C TRP E 108 -37.23 -24.58 -13.79
N LEU E 109 -37.91 -25.13 -14.77
CA LEU E 109 -37.29 -26.01 -15.74
C LEU E 109 -36.28 -25.26 -16.60
N ALA E 110 -36.53 -23.97 -16.86
CA ALA E 110 -35.61 -23.18 -17.66
C ALA E 110 -34.57 -22.47 -16.80
N LEU E 111 -34.74 -22.47 -15.48
CA LEU E 111 -33.76 -21.82 -14.61
C LEU E 111 -32.78 -22.78 -13.96
N ASP E 112 -33.25 -23.93 -13.46
CA ASP E 112 -32.37 -24.84 -12.73
C ASP E 112 -31.33 -25.46 -13.66
N TYR E 113 -31.75 -25.85 -14.86
CA TYR E 113 -30.83 -26.48 -15.79
C TYR E 113 -29.97 -25.47 -16.54
N VAL E 114 -30.19 -24.18 -16.31
CA VAL E 114 -29.27 -23.14 -16.74
C VAL E 114 -28.25 -22.82 -15.64
N VAL E 115 -28.69 -22.76 -14.39
CA VAL E 115 -27.74 -22.48 -13.31
C VAL E 115 -26.81 -23.67 -13.08
N SER E 116 -27.31 -24.90 -13.18
CA SER E 116 -26.44 -26.05 -13.02
C SER E 116 -25.41 -26.12 -14.14
N ASN E 117 -25.84 -25.86 -15.38
CA ASN E 117 -24.90 -25.79 -16.49
C ASN E 117 -23.91 -24.65 -16.33
N ALA E 118 -24.35 -23.52 -15.77
CA ALA E 118 -23.43 -22.43 -15.48
C ALA E 118 -22.36 -22.87 -14.48
N SER E 119 -22.77 -23.63 -13.47
CA SER E 119 -21.79 -24.19 -12.53
C SER E 119 -20.82 -25.15 -13.24
N VAL E 120 -21.34 -25.96 -14.16
CA VAL E 120 -20.48 -26.91 -14.87
C VAL E 120 -19.43 -26.19 -15.70
N MET E 121 -19.84 -25.18 -16.46
CA MET E 121 -18.85 -24.41 -17.22
C MET E 121 -18.00 -23.53 -16.33
N ASN E 122 -18.48 -23.18 -15.12
CA ASN E 122 -17.61 -22.53 -14.16
C ASN E 122 -16.45 -23.44 -13.78
N LEU E 123 -16.76 -24.71 -13.47
CA LEU E 123 -15.71 -25.68 -13.19
C LEU E 123 -14.81 -25.90 -14.39
N LEU E 124 -15.37 -25.89 -15.59
CA LEU E 124 -14.57 -26.04 -16.80
C LEU E 124 -13.57 -24.89 -16.94
N ILE E 125 -14.02 -23.66 -16.68
CA ILE E 125 -13.12 -22.51 -16.80
C ILE E 125 -12.08 -22.55 -15.69
N ILE E 126 -12.45 -22.99 -14.50
CA ILE E 126 -11.46 -23.10 -13.42
C ILE E 126 -10.39 -24.13 -13.78
N SER E 127 -10.81 -25.24 -14.39
CA SER E 127 -9.83 -26.24 -14.84
C SER E 127 -8.93 -25.66 -15.93
N PHE E 128 -9.50 -24.91 -16.87
CA PHE E 128 -8.69 -24.25 -17.88
C PHE E 128 -7.70 -23.28 -17.25
N ASP E 129 -8.14 -22.53 -16.24
CA ASP E 129 -7.27 -21.58 -15.57
C ASP E 129 -6.11 -22.29 -14.88
N ARG E 130 -6.41 -23.38 -14.17
CA ARG E 130 -5.35 -24.12 -13.48
C ARG E 130 -4.37 -24.72 -14.48
N TYR E 131 -4.87 -25.27 -15.58
CA TYR E 131 -3.97 -25.84 -16.58
C TYR E 131 -3.09 -24.76 -17.21
N PHE E 132 -3.66 -23.59 -17.47
CA PHE E 132 -2.87 -22.49 -18.02
C PHE E 132 -1.81 -22.02 -17.02
N CYS E 133 -2.17 -21.97 -15.74
CA CYS E 133 -1.20 -21.57 -14.73
C CYS E 133 -0.04 -22.56 -14.62
N VAL E 134 -0.32 -23.86 -14.64
CA VAL E 134 0.77 -24.83 -14.50
C VAL E 134 1.58 -24.95 -15.78
N THR E 135 0.93 -24.89 -16.94
CA THR E 135 1.66 -25.00 -18.21
C THR E 135 2.47 -23.73 -18.48
N LYS E 136 1.85 -22.56 -18.27
CA LYS E 136 2.51 -21.27 -18.45
C LYS E 136 2.56 -20.58 -17.09
N PRO E 137 3.58 -20.86 -16.26
CA PRO E 137 3.58 -20.31 -14.90
C PRO E 137 3.64 -18.80 -14.85
N LEU E 138 4.14 -18.16 -15.89
CA LEU E 138 4.33 -16.71 -15.92
C LEU E 138 3.68 -16.05 -17.12
N THR E 139 3.68 -16.69 -18.28
CA THR E 139 3.08 -16.09 -19.48
C THR E 139 1.59 -15.87 -19.29
N TYR E 140 0.88 -16.86 -18.73
CA TYR E 140 -0.56 -16.71 -18.54
C TYR E 140 -0.88 -15.61 -17.53
N PRO E 141 -0.28 -15.58 -16.33
CA PRO E 141 -0.55 -14.45 -15.43
C PRO E 141 -0.15 -13.10 -16.01
N ALA E 142 0.89 -13.06 -16.86
CA ALA E 142 1.25 -11.81 -17.51
C ALA E 142 0.15 -11.36 -18.47
N ARG E 143 -0.30 -12.27 -19.34
CA ARG E 143 -1.29 -11.91 -20.35
C ARG E 143 -2.68 -11.72 -19.75
N ARG E 144 -3.08 -12.58 -18.83
CA ARG E 144 -4.43 -12.53 -18.28
C ARG E 144 -4.62 -11.28 -17.44
N THR E 145 -5.78 -10.66 -17.60
CA THR E 145 -6.16 -9.48 -16.84
C THR E 145 -7.59 -9.66 -16.33
N THR E 146 -8.04 -8.69 -15.54
CA THR E 146 -9.41 -8.74 -15.01
C THR E 146 -10.43 -8.69 -16.14
N LYS E 147 -10.18 -7.89 -17.18
CA LYS E 147 -11.13 -7.78 -18.28
C LYS E 147 -11.29 -9.11 -19.01
N MET E 148 -10.19 -9.82 -19.24
CA MET E 148 -10.27 -11.10 -19.93
C MET E 148 -11.08 -12.10 -19.13
N ALA E 149 -10.84 -12.19 -17.82
CA ALA E 149 -11.60 -13.12 -16.98
C ALA E 149 -13.08 -12.73 -16.94
N GLY E 150 -13.37 -11.43 -16.84
CA GLY E 150 -14.76 -10.99 -16.81
C GLY E 150 -15.50 -11.31 -18.09
N LEU E 151 -14.86 -11.04 -19.23
CA LEU E 151 -15.51 -11.37 -20.50
C LEU E 151 -15.67 -12.87 -20.65
N MET E 152 -14.71 -13.65 -20.17
CA MET E 152 -14.83 -15.10 -20.23
C MET E 152 -16.01 -15.59 -19.40
N ILE E 153 -16.16 -15.06 -18.17
CA ILE E 153 -17.24 -15.53 -17.31
C ILE E 153 -18.59 -15.10 -17.86
N ALA E 154 -18.68 -13.88 -18.41
CA ALA E 154 -19.92 -13.45 -19.05
C ALA E 154 -20.25 -14.31 -20.27
N ALA E 155 -19.25 -14.64 -21.08
CA ALA E 155 -19.48 -15.48 -22.25
C ALA E 155 -19.97 -16.86 -21.83
N ALA E 156 -19.38 -17.43 -20.79
CA ALA E 156 -19.81 -18.75 -20.32
C ALA E 156 -21.23 -18.70 -19.81
N TRP E 157 -21.56 -17.69 -19.02
CA TRP E 157 -22.92 -17.57 -18.48
C TRP E 157 -23.93 -17.44 -19.61
N VAL E 158 -23.67 -16.55 -20.57
CA VAL E 158 -24.64 -16.36 -21.66
C VAL E 158 -24.69 -17.58 -22.57
N LEU E 159 -23.57 -18.30 -22.71
CA LEU E 159 -23.57 -19.53 -23.49
C LEU E 159 -24.49 -20.57 -22.86
N SER E 160 -24.35 -20.77 -21.55
CA SER E 160 -25.24 -21.70 -20.86
C SER E 160 -26.69 -21.24 -20.96
N PHE E 161 -26.92 -19.94 -20.82
CA PHE E 161 -28.27 -19.39 -20.93
C PHE E 161 -28.89 -19.72 -22.28
N VAL E 162 -28.20 -19.38 -23.36
CA VAL E 162 -28.79 -19.54 -24.69
C VAL E 162 -28.84 -21.00 -25.11
N LEU E 163 -28.03 -21.87 -24.52
CA LEU E 163 -28.11 -23.29 -24.86
C LEU E 163 -29.06 -24.09 -23.97
N TRP E 164 -29.52 -23.55 -22.84
CA TRP E 164 -30.42 -24.34 -22.00
C TRP E 164 -31.76 -23.69 -21.69
N ALA E 165 -31.89 -22.37 -21.66
CA ALA E 165 -33.18 -21.79 -21.34
C ALA E 165 -34.16 -21.83 -22.50
N PRO E 166 -33.84 -21.28 -23.68
CA PRO E 166 -34.87 -21.17 -24.73
C PRO E 166 -35.22 -22.50 -25.39
N ALA E 167 -34.46 -23.56 -25.14
CA ALA E 167 -34.72 -24.83 -25.80
C ALA E 167 -36.08 -25.40 -25.40
N ILE E 168 -36.43 -25.32 -24.11
CA ILE E 168 -37.72 -25.84 -23.66
C ILE E 168 -38.87 -25.11 -24.33
N LEU E 169 -38.80 -23.77 -24.35
CA LEU E 169 -39.84 -22.99 -24.99
C LEU E 169 -39.92 -23.30 -26.48
N PHE E 170 -38.77 -23.40 -27.15
CA PHE E 170 -38.76 -23.65 -28.58
C PHE E 170 -39.40 -25.00 -28.90
N TRP E 171 -39.05 -26.04 -28.13
CA TRP E 171 -39.59 -27.36 -28.41
C TRP E 171 -41.07 -27.45 -28.04
N GLN E 172 -41.47 -26.79 -26.96
CA GLN E 172 -42.88 -26.81 -26.60
C GLN E 172 -43.72 -26.04 -27.61
N PHE E 173 -43.15 -25.01 -28.23
CA PHE E 173 -43.85 -24.30 -29.29
C PHE E 173 -43.87 -25.09 -30.59
N VAL E 174 -42.83 -25.87 -30.86
CA VAL E 174 -42.81 -26.70 -32.06
C VAL E 174 -43.92 -27.74 -32.00
N VAL E 175 -44.04 -28.43 -30.87
CA VAL E 175 -45.06 -29.46 -30.74
C VAL E 175 -46.46 -28.86 -30.70
N GLY E 176 -46.60 -27.63 -30.19
CA GLY E 176 -47.87 -26.96 -30.13
C GLY E 176 -48.78 -27.42 -29.00
N LYS E 177 -48.59 -28.63 -28.50
CA LYS E 177 -49.37 -29.19 -27.41
C LYS E 177 -48.45 -29.43 -26.22
N ARG E 178 -48.98 -30.10 -25.19
CA ARG E 178 -48.22 -30.41 -23.99
C ARG E 178 -48.25 -31.92 -23.78
N THR E 179 -47.29 -32.62 -24.38
CA THR E 179 -47.14 -34.05 -24.16
C THR E 179 -46.60 -34.36 -22.77
N VAL E 180 -46.10 -33.35 -22.05
CA VAL E 180 -45.70 -33.53 -20.66
C VAL E 180 -46.83 -33.05 -19.76
N PRO E 181 -47.45 -33.93 -19.00
CA PRO E 181 -48.49 -33.51 -18.06
C PRO E 181 -47.94 -32.59 -16.99
N ASP E 182 -48.74 -31.60 -16.57
CA ASP E 182 -48.33 -30.72 -15.49
C ASP E 182 -48.15 -31.48 -14.18
N ASN E 183 -49.00 -32.48 -13.93
CA ASN E 183 -48.99 -33.18 -12.65
C ASN E 183 -47.62 -33.78 -12.32
N GLN E 184 -47.03 -34.53 -13.25
CA GLN E 184 -45.62 -34.91 -13.17
C GLN E 184 -44.89 -34.22 -14.32
N CYS E 185 -44.36 -33.03 -14.04
CA CYS E 185 -43.71 -32.21 -15.07
C CYS E 185 -42.19 -32.35 -14.99
N PHE E 186 -41.58 -32.53 -16.16
CA PHE E 186 -40.14 -32.71 -16.28
C PHE E 186 -39.70 -31.98 -17.54
N ILE E 187 -38.49 -32.27 -18.01
CA ILE E 187 -37.97 -31.64 -19.23
C ILE E 187 -38.91 -32.00 -20.38
N GLN E 188 -39.21 -31.03 -21.24
CA GLN E 188 -40.10 -31.26 -22.36
C GLN E 188 -39.60 -32.33 -23.33
N PHE E 189 -38.32 -32.27 -23.69
CA PHE E 189 -37.77 -33.06 -24.79
C PHE E 189 -36.90 -34.20 -24.26
N LEU E 190 -37.54 -35.32 -23.98
CA LEU E 190 -36.86 -36.61 -23.78
C LEU E 190 -37.39 -37.70 -24.70
N SER E 191 -38.65 -37.64 -25.10
CA SER E 191 -39.19 -38.65 -26.00
C SER E 191 -38.44 -38.69 -27.32
N ASN E 192 -37.96 -37.54 -27.79
CA ASN E 192 -37.02 -37.53 -28.91
C ASN E 192 -35.62 -37.77 -28.39
N PRO E 193 -34.95 -38.84 -28.81
CA PRO E 193 -33.61 -39.10 -28.26
C PRO E 193 -32.57 -38.11 -28.76
N ALA E 194 -32.67 -37.68 -30.02
CA ALA E 194 -31.58 -36.92 -30.64
C ALA E 194 -31.33 -35.60 -29.92
N VAL E 195 -32.39 -34.85 -29.61
CA VAL E 195 -32.23 -33.51 -29.05
C VAL E 195 -31.65 -33.60 -27.64
N THR E 196 -32.16 -34.51 -26.82
CA THR E 196 -31.64 -34.64 -25.46
C THR E 196 -30.22 -35.17 -25.46
N PHE E 197 -29.89 -36.08 -26.39
CA PHE E 197 -28.51 -36.54 -26.52
C PHE E 197 -27.60 -35.38 -26.87
N GLY E 198 -27.98 -34.58 -27.88
CA GLY E 198 -27.15 -33.49 -28.34
C GLY E 198 -27.02 -32.35 -27.36
N THR E 199 -27.99 -32.17 -26.47
CA THR E 199 -27.82 -31.16 -25.44
C THR E 199 -27.07 -31.71 -24.22
N ALA E 200 -27.31 -32.97 -23.85
CA ALA E 200 -26.63 -33.54 -22.69
C ALA E 200 -25.15 -33.74 -22.96
N ILE E 201 -24.77 -34.06 -24.20
CA ILE E 201 -23.35 -34.27 -24.50
C ILE E 201 -22.57 -33.00 -24.22
N ALA E 202 -23.01 -31.88 -24.76
CA ALA E 202 -22.33 -30.61 -24.53
C ALA E 202 -22.54 -30.08 -23.12
N ALA E 203 -23.60 -30.51 -22.44
CA ALA E 203 -23.80 -30.07 -21.07
C ALA E 203 -22.85 -30.76 -20.10
N PHE E 204 -22.66 -32.06 -20.25
CA PHE E 204 -21.91 -32.82 -19.25
C PHE E 204 -20.72 -33.60 -19.80
N TYR E 205 -20.90 -34.29 -20.93
CA TYR E 205 -19.90 -35.28 -21.34
C TYR E 205 -18.64 -34.61 -21.85
N LEU E 206 -18.78 -33.61 -22.72
CA LEU E 206 -17.62 -32.86 -23.17
C LEU E 206 -16.91 -32.15 -22.03
N PRO E 207 -17.58 -31.45 -21.10
CA PRO E 207 -16.83 -30.87 -19.96
C PRO E 207 -16.09 -31.91 -19.14
N VAL E 208 -16.68 -33.09 -18.95
CA VAL E 208 -15.99 -34.14 -18.19
C VAL E 208 -14.74 -34.60 -18.93
N VAL E 209 -14.85 -34.83 -20.24
CA VAL E 209 -13.71 -35.30 -21.02
C VAL E 209 -12.60 -34.26 -21.04
N ILE E 210 -12.96 -32.97 -21.12
CA ILE E 210 -11.94 -31.93 -21.09
C ILE E 210 -11.29 -31.87 -19.71
N MET E 211 -12.11 -31.92 -18.65
CA MET E 211 -11.59 -31.79 -17.30
C MET E 211 -10.65 -32.93 -16.95
N THR E 212 -10.99 -34.16 -17.33
CA THR E 212 -10.15 -35.29 -16.96
C THR E 212 -8.79 -35.23 -17.65
N VAL E 213 -8.77 -34.85 -18.93
CA VAL E 213 -7.48 -34.78 -19.63
C VAL E 213 -6.66 -33.61 -19.11
N LEU E 214 -7.30 -32.48 -18.82
CA LEU E 214 -6.57 -31.36 -18.25
C LEU E 214 -5.99 -31.74 -16.89
N TYR E 215 -6.74 -32.46 -16.08
CA TYR E 215 -6.26 -32.85 -14.76
C TYR E 215 -5.14 -33.88 -14.85
N ILE E 216 -5.23 -34.82 -15.79
CA ILE E 216 -4.11 -35.74 -16.01
C ILE E 216 -2.86 -34.97 -16.40
N HIS E 217 -3.02 -33.97 -17.28
CA HIS E 217 -1.85 -33.21 -17.70
C HIS E 217 -1.28 -32.36 -16.57
N ILE E 218 -2.14 -31.77 -15.74
CA ILE E 218 -1.66 -30.95 -14.63
C ILE E 218 -0.93 -31.84 -13.61
N SER E 219 -1.47 -33.03 -13.33
CA SER E 219 -0.78 -33.95 -12.46
C SER E 219 0.55 -34.41 -13.02
N LEU E 220 0.64 -34.61 -14.34
CA LEU E 220 1.92 -35.00 -14.93
C LEU E 220 2.92 -33.85 -14.95
N ALA E 221 2.45 -32.62 -15.14
CA ALA E 221 3.31 -31.46 -15.27
C ALA E 221 3.68 -30.83 -13.92
N SER E 222 3.03 -31.23 -12.84
CA SER E 222 3.40 -30.78 -11.51
C SER E 222 4.48 -31.64 -10.88
N ARG E 223 5.24 -32.36 -11.70
CA ARG E 223 6.26 -33.26 -11.18
C ARG E 223 7.37 -32.55 -10.42
N SER E 224 7.68 -31.31 -10.80
CA SER E 224 8.73 -30.52 -10.15
C SER E 224 10.05 -31.27 -10.10
N MET E 258 10.75 -33.82 -2.60
CA MET E 258 9.47 -33.12 -2.70
C MET E 258 8.50 -34.03 -3.45
N ALA E 259 8.97 -35.25 -3.74
CA ALA E 259 8.21 -36.22 -4.51
C ALA E 259 6.91 -36.62 -3.81
N ALA E 260 6.95 -36.72 -2.49
CA ALA E 260 5.78 -37.19 -1.74
C ALA E 260 4.58 -36.26 -1.92
N ARG E 261 4.79 -34.95 -1.82
CA ARG E 261 3.66 -34.04 -1.99
C ARG E 261 3.26 -33.87 -3.45
N GLU E 262 4.15 -34.23 -4.38
CA GLU E 262 3.74 -34.29 -5.78
C GLU E 262 2.64 -35.31 -5.97
N ARG E 263 2.76 -36.48 -5.34
CA ARG E 263 1.69 -37.46 -5.37
C ARG E 263 0.54 -37.09 -4.45
N LYS E 264 0.82 -36.40 -3.34
CA LYS E 264 -0.23 -35.98 -2.43
C LYS E 264 -1.20 -34.99 -3.06
N VAL E 265 -0.71 -34.03 -3.84
CA VAL E 265 -1.61 -33.10 -4.53
C VAL E 265 -2.36 -33.80 -5.65
N THR E 266 -1.73 -34.79 -6.29
CA THR E 266 -2.44 -35.60 -7.27
C THR E 266 -3.58 -36.35 -6.61
N ARG E 267 -3.38 -36.80 -5.38
CA ARG E 267 -4.45 -37.48 -4.63
C ARG E 267 -5.70 -36.60 -4.55
N THR E 268 -5.55 -35.35 -4.11
CA THR E 268 -6.72 -34.50 -3.94
C THR E 268 -7.28 -34.00 -5.26
N ILE E 269 -6.42 -33.78 -6.26
CA ILE E 269 -6.95 -33.33 -7.54
C ILE E 269 -7.66 -34.45 -8.26
N PHE E 270 -7.33 -35.71 -7.94
CA PHE E 270 -8.16 -36.83 -8.36
C PHE E 270 -9.41 -36.98 -7.52
N ALA E 271 -9.32 -36.64 -6.22
CA ALA E 271 -10.48 -36.74 -5.35
C ALA E 271 -11.59 -35.79 -5.79
N ILE E 272 -11.22 -34.58 -6.20
CA ILE E 272 -12.24 -33.62 -6.62
C ILE E 272 -12.92 -34.07 -7.90
N LEU E 273 -12.15 -34.59 -8.87
CA LEU E 273 -12.75 -35.11 -10.09
C LEU E 273 -13.64 -36.31 -9.79
N LEU E 274 -13.20 -37.17 -8.86
CA LEU E 274 -14.04 -38.30 -8.46
C LEU E 274 -15.32 -37.84 -7.82
N ALA E 275 -15.27 -36.76 -7.03
CA ALA E 275 -16.49 -36.21 -6.44
C ALA E 275 -17.44 -35.70 -7.52
N PHE E 276 -16.89 -35.01 -8.53
CA PHE E 276 -17.73 -34.51 -9.61
C PHE E 276 -18.40 -35.65 -10.36
N ILE E 277 -17.64 -36.70 -10.67
CA ILE E 277 -18.18 -37.88 -11.35
C ILE E 277 -19.12 -38.68 -10.47
N LEU E 278 -18.98 -38.59 -9.15
CA LEU E 278 -19.92 -39.23 -8.25
C LEU E 278 -21.23 -38.47 -8.14
N THR E 279 -21.20 -37.14 -8.27
CA THR E 279 -22.41 -36.37 -8.10
C THR E 279 -23.21 -36.21 -9.40
N TRP E 280 -22.57 -35.88 -10.52
CA TRP E 280 -23.34 -35.52 -11.70
C TRP E 280 -23.42 -36.61 -12.75
N THR E 281 -22.46 -37.52 -12.80
CA THR E 281 -22.48 -38.59 -13.80
C THR E 281 -23.67 -39.54 -13.68
N PRO E 282 -23.99 -40.10 -12.47
CA PRO E 282 -24.97 -41.19 -12.45
C PRO E 282 -26.32 -40.78 -12.99
N TYR E 283 -26.76 -39.56 -12.71
CA TYR E 283 -28.01 -39.08 -13.28
C TYR E 283 -27.92 -38.95 -14.79
N ASN E 284 -26.81 -38.43 -15.30
CA ASN E 284 -26.65 -38.23 -16.72
C ASN E 284 -26.28 -39.55 -17.41
N VAL E 285 -26.32 -40.64 -16.67
CA VAL E 285 -26.11 -41.96 -17.25
C VAL E 285 -27.42 -42.74 -17.16
N MET E 286 -28.23 -42.42 -16.14
CA MET E 286 -29.50 -43.11 -15.98
C MET E 286 -30.63 -42.43 -16.74
N VAL E 287 -30.47 -41.15 -17.11
CA VAL E 287 -31.48 -40.52 -17.93
C VAL E 287 -31.26 -40.83 -19.41
N LEU E 288 -30.05 -41.22 -19.79
CA LEU E 288 -29.68 -41.57 -21.16
C LEU E 288 -30.32 -42.85 -21.65
N VAL E 289 -30.95 -43.64 -20.78
CA VAL E 289 -31.73 -44.79 -21.22
C VAL E 289 -33.21 -44.47 -21.31
N ASN E 290 -33.66 -43.35 -20.74
CA ASN E 290 -35.07 -42.97 -20.81
C ASN E 290 -35.56 -42.88 -22.24
N THR E 291 -34.70 -42.43 -23.16
CA THR E 291 -35.11 -42.21 -24.54
C THR E 291 -35.56 -43.50 -25.22
N PHE E 292 -35.20 -44.66 -24.68
CA PHE E 292 -35.67 -45.94 -25.22
C PHE E 292 -36.26 -46.88 -24.17
N CYS E 293 -35.96 -46.70 -22.89
CA CYS E 293 -36.58 -47.50 -21.84
C CYS E 293 -37.93 -46.93 -21.44
N GLN E 294 -37.94 -45.70 -20.92
CA GLN E 294 -39.13 -44.98 -20.44
C GLN E 294 -39.98 -45.81 -19.48
N SER E 295 -39.45 -46.93 -18.99
CA SER E 295 -40.16 -47.76 -18.02
C SER E 295 -39.21 -48.36 -16.99
N CYS E 296 -38.05 -47.74 -16.78
CA CYS E 296 -37.01 -48.38 -15.98
C CYS E 296 -37.34 -48.37 -14.49
N ILE E 297 -37.47 -47.18 -13.90
CA ILE E 297 -37.73 -47.06 -12.47
C ILE E 297 -38.83 -46.03 -12.25
N PRO E 298 -39.52 -46.05 -11.11
CA PRO E 298 -40.60 -45.08 -10.87
C PRO E 298 -40.08 -43.67 -10.73
N ASP E 299 -41.01 -42.72 -10.84
CA ASP E 299 -40.67 -41.30 -10.88
C ASP E 299 -39.91 -40.85 -9.64
N THR E 300 -40.36 -41.30 -8.47
CA THR E 300 -39.75 -40.79 -7.24
C THR E 300 -38.32 -41.29 -7.02
N VAL E 301 -37.79 -42.25 -7.76
CA VAL E 301 -36.38 -42.61 -7.69
C VAL E 301 -35.58 -42.02 -8.84
N TRP E 302 -36.21 -41.80 -10.00
CA TRP E 302 -35.65 -40.82 -10.94
C TRP E 302 -35.43 -39.52 -10.18
N SER E 303 -36.35 -39.21 -9.27
CA SER E 303 -36.27 -37.99 -8.48
C SER E 303 -35.03 -37.96 -7.61
N ILE E 304 -34.72 -39.07 -6.92
CA ILE E 304 -33.54 -39.05 -6.07
C ILE E 304 -32.27 -39.08 -6.92
N GLY E 305 -32.29 -39.79 -8.06
CA GLY E 305 -31.15 -39.76 -8.96
C GLY E 305 -30.85 -38.37 -9.50
N TYR E 306 -31.88 -37.56 -9.74
CA TYR E 306 -31.66 -36.17 -10.12
C TYR E 306 -31.30 -35.30 -8.92
N TRP E 307 -31.83 -35.62 -7.74
CA TRP E 307 -31.53 -34.86 -6.54
C TRP E 307 -30.07 -34.98 -6.15
N LEU E 308 -29.47 -36.14 -6.45
CA LEU E 308 -28.05 -36.34 -6.13
C LEU E 308 -27.18 -35.29 -6.79
N CYS E 309 -27.64 -34.72 -7.90
CA CYS E 309 -26.90 -33.70 -8.64
C CYS E 309 -26.76 -32.40 -7.87
N TYR E 310 -27.27 -32.29 -6.64
CA TYR E 310 -27.17 -31.06 -5.88
C TYR E 310 -26.12 -31.12 -4.78
N VAL E 311 -25.64 -32.32 -4.42
CA VAL E 311 -24.53 -32.39 -3.50
C VAL E 311 -23.29 -31.75 -4.10
N ASN E 312 -23.23 -31.65 -5.43
CA ASN E 312 -22.12 -30.95 -6.07
C ASN E 312 -22.12 -29.48 -5.66
N SER E 313 -23.26 -28.80 -5.80
CA SER E 313 -23.38 -27.43 -5.34
C SER E 313 -23.26 -27.31 -3.83
N THR E 314 -23.63 -28.36 -3.10
CA THR E 314 -23.42 -28.38 -1.65
C THR E 314 -21.93 -28.36 -1.30
N ILE E 315 -21.13 -29.15 -2.01
CA ILE E 315 -19.73 -29.36 -1.62
C ILE E 315 -18.74 -28.47 -2.36
N ASN E 316 -19.16 -27.75 -3.39
CA ASN E 316 -18.24 -26.86 -4.09
C ASN E 316 -17.53 -25.87 -3.18
N PRO E 317 -18.21 -25.12 -2.30
CA PRO E 317 -17.45 -24.26 -1.38
C PRO E 317 -16.51 -25.04 -0.49
N ALA E 318 -16.95 -26.16 0.08
CA ALA E 318 -16.09 -26.95 0.94
C ALA E 318 -14.92 -27.56 0.16
N CYS E 319 -15.22 -28.18 -0.98
CA CYS E 319 -14.20 -28.87 -1.75
C CYS E 319 -13.27 -27.93 -2.51
N TYR E 320 -13.59 -26.64 -2.57
CA TYR E 320 -12.67 -25.67 -3.16
C TYR E 320 -12.13 -24.67 -2.15
N ALA E 321 -12.50 -24.78 -0.87
CA ALA E 321 -11.91 -23.97 0.18
C ALA E 321 -11.14 -24.76 1.21
N LEU E 322 -11.31 -26.09 1.29
CA LEU E 322 -10.56 -26.87 2.25
C LEU E 322 -9.10 -27.07 1.85
N CYS E 323 -8.82 -27.15 0.54
CA CYS E 323 -7.46 -27.38 0.10
C CYS E 323 -6.59 -26.12 0.20
N ASN E 324 -7.19 -24.95 -0.01
CA ASN E 324 -6.42 -23.71 0.05
C ASN E 324 -6.05 -23.39 1.50
N ALA E 325 -4.95 -22.64 1.64
CA ALA E 325 -4.50 -22.23 2.97
C ALA E 325 -5.24 -21.00 3.47
N THR E 326 -5.35 -19.97 2.62
CA THR E 326 -6.07 -18.77 3.03
C THR E 326 -7.55 -19.05 3.25
N PHE E 327 -8.15 -19.94 2.46
CA PHE E 327 -9.56 -20.29 2.66
C PHE E 327 -9.77 -21.10 3.92
N LYS E 328 -8.79 -21.89 4.34
CA LYS E 328 -8.85 -22.65 5.57
C LYS E 328 -8.33 -21.86 6.76
N LYS E 329 -7.87 -20.63 6.53
CA LYS E 329 -7.36 -19.77 7.61
C LYS E 329 -8.30 -18.61 7.92
N THR E 330 -8.68 -17.82 6.91
CA THR E 330 -9.48 -16.63 7.14
C THR E 330 -10.98 -16.90 7.14
N PHE E 331 -11.41 -18.14 6.90
CA PHE E 331 -12.83 -18.44 6.96
C PHE E 331 -13.40 -18.18 8.36
N ARG E 332 -12.55 -18.15 9.38
CA ARG E 332 -12.95 -17.72 10.71
C ARG E 332 -12.59 -16.27 11.00
N HIS E 333 -11.56 -15.72 10.34
CA HIS E 333 -11.19 -14.34 10.55
C HIS E 333 -12.20 -13.37 9.96
N LEU E 334 -12.91 -13.77 8.91
CA LEU E 334 -13.99 -12.94 8.40
C LEU E 334 -15.06 -12.68 9.45
N LEU E 335 -15.33 -13.64 10.32
CA LEU E 335 -16.37 -13.51 11.33
C LEU E 335 -15.83 -13.16 12.72
N LEU E 336 -14.53 -13.31 12.96
CA LEU E 336 -13.97 -12.98 14.27
C LEU E 336 -14.11 -11.49 14.56
N CYS E 337 -13.83 -10.64 13.58
CA CYS E 337 -13.91 -9.20 13.73
C CYS E 337 -15.23 -8.63 13.22
N GLN E 338 -16.16 -9.49 12.81
CA GLN E 338 -17.46 -9.07 12.29
C GLN E 338 -17.32 -8.09 11.14
#